data_6P8R
#
_entry.id   6P8R
#
_cell.length_a   106.106
_cell.length_b   106.106
_cell.length_c   74.789
_cell.angle_alpha   90.00
_cell.angle_beta   90.00
_cell.angle_gamma   90.00
#
_symmetry.space_group_name_H-M   'P 41'
#
loop_
_entity.id
_entity.type
_entity.pdbx_description
1 polymer 'HORMA domain containing protein'
2 non-polymer 'PHOSPHATE ION'
3 water water
#
_entity_poly.entity_id   1
_entity_poly.type   'polypeptide(L)'
_entity_poly.pdbx_seq_one_letter_code
;SNASTVATYSYTHSVTYVTDNILKSLKDIILLSGLDPEHFADRWESNTRAIKTWLGTGDLRKVILEIYNPATDKLVTRWD
IDIVYGWSDGDGSFWTDTEQLKYAIKKAGLLPSQAKYKLMLDTKPGRPDVEGWSKGSYRSTDGMVKQSLGSTVEHSGLAG
QAGYWRQR
;
_entity_poly.pdbx_strand_id   A,B,C,D
#
# COMPACT_ATOMS: atom_id res chain seq x y z
N ASN A 2 -13.94 9.90 21.33
CA ASN A 2 -13.77 9.30 20.02
C ASN A 2 -12.30 9.25 19.63
N ALA A 3 -11.49 8.60 20.45
CA ALA A 3 -10.06 8.45 20.19
C ALA A 3 -9.78 7.05 19.65
N SER A 4 -8.80 6.98 18.76
CA SER A 4 -8.27 5.71 18.29
C SER A 4 -6.82 5.59 18.73
N THR A 5 -6.40 4.36 19.03
CA THR A 5 -5.03 4.12 19.46
C THR A 5 -4.58 2.77 18.92
N VAL A 6 -3.28 2.52 19.02
CA VAL A 6 -2.70 1.29 18.50
C VAL A 6 -3.35 0.09 19.16
N ALA A 7 -3.80 -0.85 18.35
CA ALA A 7 -4.55 -2.00 18.85
C ALA A 7 -3.63 -3.20 19.07
N THR A 8 -3.95 -3.98 20.09
CA THR A 8 -3.38 -5.30 20.30
C THR A 8 -4.41 -6.31 19.83
N TYR A 9 -4.02 -7.20 18.92
CA TYR A 9 -4.97 -8.07 18.27
C TYR A 9 -4.90 -9.50 18.80
N SER A 10 -6.06 -10.14 18.85
CA SER A 10 -6.13 -11.55 19.22
C SER A 10 -5.64 -12.42 18.08
N TYR A 11 -5.40 -13.69 18.39
CA TYR A 11 -5.01 -14.63 17.34
C TYR A 11 -6.13 -14.81 16.34
N THR A 12 -7.37 -14.90 16.83
CA THR A 12 -8.51 -15.07 15.93
C THR A 12 -8.63 -13.91 14.95
N HIS A 13 -8.25 -12.70 15.38
CA HIS A 13 -8.24 -11.56 14.47
C HIS A 13 -7.19 -11.74 13.38
N SER A 14 -5.97 -12.14 13.77
CA SER A 14 -4.93 -12.39 12.79
C SER A 14 -5.35 -13.48 11.82
N VAL A 15 -6.02 -14.51 12.31
CA VAL A 15 -6.51 -15.58 11.44
C VAL A 15 -7.52 -15.03 10.45
N THR A 16 -8.48 -14.23 10.93
CA THR A 16 -9.49 -13.64 10.06
C THR A 16 -8.86 -12.80 8.96
N TYR A 17 -7.85 -12.00 9.33
CA TYR A 17 -7.17 -11.16 8.35
C TYR A 17 -6.43 -12.00 7.31
N VAL A 18 -5.70 -13.01 7.77
CA VAL A 18 -4.93 -13.84 6.84
C VAL A 18 -5.87 -14.65 5.94
N THR A 19 -6.97 -15.14 6.50
CA THR A 19 -7.94 -15.89 5.71
C THR A 19 -8.54 -15.03 4.61
N ASP A 20 -8.96 -13.81 4.95
CA ASP A 20 -9.60 -12.93 3.98
C ASP A 20 -8.66 -12.54 2.85
N ASN A 21 -7.37 -12.35 3.15
CA ASN A 21 -6.40 -11.94 2.14
C ASN A 21 -5.82 -13.09 1.34
N ILE A 22 -5.80 -14.31 1.91
CA ILE A 22 -5.47 -15.48 1.10
C ILE A 22 -6.51 -15.66 0.00
N LEU A 23 -7.79 -15.56 0.38
CA LEU A 23 -8.86 -15.73 -0.60
C LEU A 23 -8.88 -14.59 -1.61
N LYS A 24 -8.53 -13.38 -1.17
CA LYS A 24 -8.47 -12.25 -2.09
C LYS A 24 -7.37 -12.44 -3.13
N SER A 25 -6.21 -12.92 -2.70
CA SER A 25 -5.11 -13.16 -3.64
C SER A 25 -5.48 -14.25 -4.65
N LEU A 26 -6.18 -15.30 -4.19
CA LEU A 26 -6.65 -16.32 -5.11
C LEU A 26 -7.71 -15.77 -6.06
N LYS A 27 -8.60 -14.91 -5.53
CA LYS A 27 -9.57 -14.23 -6.38
C LYS A 27 -8.88 -13.39 -7.44
N ASP A 28 -7.74 -12.78 -7.11
CA ASP A 28 -7.01 -11.98 -8.09
C ASP A 28 -6.31 -12.88 -9.11
N ILE A 29 -5.82 -14.04 -8.67
CA ILE A 29 -5.25 -15.00 -9.60
C ILE A 29 -6.29 -15.44 -10.62
N ILE A 30 -7.52 -15.69 -10.16
CA ILE A 30 -8.59 -16.12 -11.05
C ILE A 30 -8.96 -15.00 -12.02
N LEU A 31 -9.11 -13.78 -11.51
CA LEU A 31 -9.44 -12.64 -12.36
C LEU A 31 -8.38 -12.44 -13.44
N LEU A 32 -7.11 -12.38 -13.03
CA LEU A 32 -6.01 -12.15 -13.96
C LEU A 32 -5.77 -13.32 -14.90
N SER A 33 -6.21 -14.52 -14.52
CA SER A 33 -6.10 -15.68 -15.42
C SER A 33 -7.24 -15.75 -16.42
N GLY A 34 -8.23 -14.87 -16.33
CA GLY A 34 -9.35 -14.89 -17.24
C GLY A 34 -10.39 -15.94 -16.94
N LEU A 35 -10.42 -16.47 -15.73
CA LEU A 35 -11.36 -17.50 -15.34
C LEU A 35 -12.62 -16.89 -14.74
N ASP A 36 -13.70 -17.65 -14.77
CA ASP A 36 -14.99 -17.19 -14.24
C ASP A 36 -14.91 -17.06 -12.73
N PRO A 37 -15.22 -15.89 -12.16
CA PRO A 37 -15.10 -15.73 -10.70
C PRO A 37 -16.29 -16.23 -9.90
N GLU A 38 -17.37 -16.63 -10.57
CA GLU A 38 -18.62 -16.94 -9.87
C GLU A 38 -18.47 -18.11 -8.92
N HIS A 39 -17.79 -19.17 -9.36
CA HIS A 39 -17.60 -20.37 -8.54
C HIS A 39 -16.86 -20.06 -7.25
N PHE A 40 -15.78 -19.27 -7.33
CA PHE A 40 -15.03 -18.92 -6.13
C PHE A 40 -15.83 -18.00 -5.21
N ALA A 41 -16.63 -17.11 -5.80
CA ALA A 41 -17.40 -16.16 -5.00
C ALA A 41 -18.49 -16.87 -4.20
N ASP A 42 -19.17 -17.84 -4.81
CA ASP A 42 -20.23 -18.56 -4.11
C ASP A 42 -19.69 -19.35 -2.92
N ARG A 43 -18.43 -19.80 -3.00
CA ARG A 43 -17.79 -20.58 -1.95
C ARG A 43 -17.03 -19.72 -0.95
N TRP A 44 -17.15 -18.39 -1.04
CA TRP A 44 -16.28 -17.53 -0.25
C TRP A 44 -16.46 -17.77 1.26
N GLU A 45 -17.71 -17.88 1.72
CA GLU A 45 -17.92 -18.08 3.15
C GLU A 45 -17.63 -19.51 3.56
N SER A 46 -17.93 -20.47 2.69
CA SER A 46 -17.61 -21.87 3.00
C SER A 46 -16.11 -22.08 3.11
N ASN A 47 -15.35 -21.58 2.12
CA ASN A 47 -13.89 -21.64 2.19
C ASN A 47 -13.37 -20.90 3.42
N THR A 48 -13.99 -19.75 3.73
CA THR A 48 -13.57 -18.96 4.88
C THR A 48 -13.68 -19.77 6.18
N ARG A 49 -14.83 -20.43 6.37
CA ARG A 49 -15.05 -21.18 7.59
C ARG A 49 -14.00 -22.27 7.78
N ALA A 50 -13.71 -23.02 6.72
CA ALA A 50 -12.76 -24.13 6.84
C ALA A 50 -11.34 -23.62 7.09
N ILE A 51 -10.96 -22.54 6.41
CA ILE A 51 -9.60 -22.00 6.55
C ILE A 51 -9.40 -21.41 7.94
N LYS A 52 -10.40 -20.67 8.44
CA LYS A 52 -10.29 -20.13 9.80
C LYS A 52 -10.24 -21.25 10.83
N THR A 53 -11.09 -22.27 10.65
CA THR A 53 -11.13 -23.38 11.60
C THR A 53 -9.76 -24.03 11.75
N TRP A 54 -9.13 -24.36 10.62
CA TRP A 54 -7.87 -25.08 10.65
C TRP A 54 -6.67 -24.16 10.86
N LEU A 55 -6.81 -22.86 10.59
CA LEU A 55 -5.80 -21.91 11.03
C LEU A 55 -5.89 -21.68 12.53
N GLY A 56 -7.11 -21.70 13.07
CA GLY A 56 -7.27 -21.51 14.50
C GLY A 56 -6.65 -22.63 15.31
N THR A 57 -6.84 -23.88 14.86
CA THR A 57 -6.22 -25.00 15.55
C THR A 57 -4.75 -25.14 15.20
N GLY A 58 -4.31 -24.50 14.12
CA GLY A 58 -2.96 -24.68 13.63
C GLY A 58 -2.76 -25.91 12.78
N ASP A 59 -3.83 -26.54 12.33
CA ASP A 59 -3.71 -27.76 11.52
C ASP A 59 -3.53 -27.47 10.04
N LEU A 60 -3.80 -26.24 9.59
CA LEU A 60 -3.73 -25.91 8.17
C LEU A 60 -2.28 -25.77 7.75
N ARG A 61 -1.87 -26.57 6.77
CA ARG A 61 -0.53 -26.51 6.20
C ARG A 61 -0.46 -25.71 4.91
N LYS A 62 -1.42 -25.90 3.99
CA LYS A 62 -1.36 -25.26 2.69
C LYS A 62 -2.76 -24.96 2.19
N VAL A 63 -2.88 -23.85 1.46
CA VAL A 63 -4.07 -23.55 0.66
C VAL A 63 -3.66 -23.69 -0.80
N ILE A 64 -4.42 -24.48 -1.56
CA ILE A 64 -4.01 -24.88 -2.90
C ILE A 64 -5.17 -24.64 -3.86
N LEU A 65 -4.88 -23.92 -4.95
CA LEU A 65 -5.83 -23.71 -6.03
C LEU A 65 -5.31 -24.44 -7.25
N GLU A 66 -6.01 -25.50 -7.65
CA GLU A 66 -5.71 -26.21 -8.88
C GLU A 66 -6.50 -25.60 -10.02
N ILE A 67 -5.79 -25.20 -11.08
CA ILE A 67 -6.41 -24.79 -12.34
C ILE A 67 -6.18 -25.92 -13.33
N TYR A 68 -7.26 -26.52 -13.83
CA TYR A 68 -7.18 -27.72 -14.63
C TYR A 68 -8.04 -27.60 -15.89
N ASN A 69 -7.82 -28.54 -16.81
CA ASN A 69 -8.59 -28.64 -18.04
C ASN A 69 -9.61 -29.75 -17.88
N PRO A 70 -10.91 -29.47 -17.99
CA PRO A 70 -11.91 -30.54 -17.79
C PRO A 70 -11.95 -31.56 -18.91
N ALA A 71 -11.48 -31.21 -20.11
CA ALA A 71 -11.47 -32.19 -21.20
C ALA A 71 -10.42 -33.27 -20.97
N THR A 72 -9.34 -32.95 -20.26
CA THR A 72 -8.27 -33.90 -19.99
C THR A 72 -8.09 -34.21 -18.51
N ASP A 73 -8.73 -33.46 -17.62
CA ASP A 73 -8.65 -33.61 -16.16
C ASP A 73 -7.25 -33.35 -15.62
N LYS A 74 -6.38 -32.71 -16.40
CA LYS A 74 -4.99 -32.54 -16.02
C LYS A 74 -4.70 -31.09 -15.61
N LEU A 75 -3.70 -30.92 -14.75
CA LEU A 75 -3.33 -29.60 -14.27
C LEU A 75 -2.80 -28.74 -15.41
N VAL A 76 -3.21 -27.47 -15.40
CA VAL A 76 -2.60 -26.45 -16.24
C VAL A 76 -1.64 -25.58 -15.43
N THR A 77 -2.12 -25.04 -14.31
CA THR A 77 -1.28 -24.43 -13.29
C THR A 77 -1.82 -24.80 -11.92
N ARG A 78 -1.04 -24.51 -10.90
CA ARG A 78 -1.44 -24.71 -9.51
C ARG A 78 -0.83 -23.60 -8.67
N TRP A 79 -1.57 -23.15 -7.67
CA TRP A 79 -1.14 -22.06 -6.81
C TRP A 79 -1.18 -22.52 -5.35
N ASP A 80 -0.05 -22.39 -4.66
CA ASP A 80 0.11 -22.87 -3.30
C ASP A 80 0.38 -21.70 -2.37
N ILE A 81 -0.18 -21.75 -1.17
CA ILE A 81 0.11 -20.80 -0.12
C ILE A 81 0.37 -21.59 1.15
N ASP A 82 1.64 -21.69 1.53
CA ASP A 82 2.00 -22.41 2.75
C ASP A 82 1.81 -21.52 3.96
N ILE A 83 1.32 -22.09 5.04
CA ILE A 83 1.09 -21.35 6.28
C ILE A 83 2.36 -21.39 7.12
N VAL A 84 2.70 -20.24 7.70
CA VAL A 84 3.81 -20.11 8.64
C VAL A 84 3.24 -19.64 9.97
N TYR A 85 3.38 -20.47 11.00
CA TYR A 85 2.83 -20.15 12.33
C TYR A 85 3.90 -19.50 13.19
N GLY A 86 4.11 -18.20 12.98
CA GLY A 86 5.07 -17.45 13.76
C GLY A 86 4.42 -16.40 14.64
N TRP A 87 3.19 -16.66 15.06
CA TRP A 87 2.41 -15.72 15.86
C TRP A 87 2.85 -15.80 17.31
N SER A 88 3.51 -14.75 17.81
CA SER A 88 3.91 -14.67 19.21
C SER A 88 3.04 -13.74 20.03
N ASP A 89 2.52 -12.68 19.43
CA ASP A 89 1.67 -11.71 20.12
C ASP A 89 0.91 -10.94 19.06
N GLY A 90 -0.01 -10.10 19.50
CA GLY A 90 -0.79 -9.30 18.57
C GLY A 90 -0.22 -7.95 18.26
N ASP A 91 1.00 -7.64 18.69
CA ASP A 91 1.59 -6.33 18.48
C ASP A 91 2.45 -6.27 17.22
N GLY A 92 2.49 -7.36 16.43
CA GLY A 92 3.33 -7.40 15.25
C GLY A 92 2.73 -6.69 14.05
N SER A 93 3.59 -6.40 13.07
CA SER A 93 3.15 -5.73 11.86
C SER A 93 2.34 -6.66 10.97
N PHE A 94 1.55 -6.06 10.08
CA PHE A 94 0.66 -6.76 9.16
C PHE A 94 0.81 -6.13 7.79
N TRP A 95 0.64 -6.94 6.75
CA TRP A 95 0.74 -6.43 5.38
C TRP A 95 0.32 -7.51 4.40
N THR A 96 0.06 -7.06 3.17
CA THR A 96 -0.16 -7.92 2.02
C THR A 96 0.78 -7.50 0.91
N ASP A 97 1.19 -8.47 0.08
CA ASP A 97 2.05 -8.18 -1.07
C ASP A 97 1.78 -9.23 -2.14
N THR A 98 1.08 -8.84 -3.21
CA THR A 98 0.71 -9.76 -4.28
C THR A 98 1.20 -9.29 -5.64
N GLU A 99 2.03 -8.25 -5.69
CA GLU A 99 2.44 -7.66 -6.97
C GLU A 99 3.14 -8.68 -7.86
N GLN A 100 3.89 -9.62 -7.28
CA GLN A 100 4.63 -10.59 -8.08
C GLN A 100 3.74 -11.69 -8.65
N LEU A 101 2.54 -11.88 -8.11
CA LEU A 101 1.64 -12.91 -8.63
C LEU A 101 1.25 -12.60 -10.07
N LYS A 102 1.08 -11.32 -10.39
CA LYS A 102 0.68 -10.92 -11.74
C LYS A 102 1.66 -11.40 -12.79
N TYR A 103 2.96 -11.28 -12.50
CA TYR A 103 3.97 -11.70 -13.47
C TYR A 103 4.06 -13.21 -13.56
N ALA A 104 3.77 -13.92 -12.48
CA ALA A 104 3.79 -15.38 -12.53
C ALA A 104 2.67 -15.91 -13.41
N ILE A 105 1.50 -15.25 -13.37
CA ILE A 105 0.38 -15.66 -14.22
C ILE A 105 0.76 -15.54 -15.70
N LYS A 106 1.42 -14.45 -16.07
CA LYS A 106 1.89 -14.29 -17.45
C LYS A 106 2.89 -15.37 -17.81
N LYS A 107 3.85 -15.63 -16.91
CA LYS A 107 4.81 -16.71 -17.13
C LYS A 107 4.10 -18.02 -17.42
N ALA A 108 2.97 -18.26 -16.75
CA ALA A 108 2.23 -19.51 -16.91
C ALA A 108 1.55 -19.63 -18.26
N GLY A 109 1.24 -18.51 -18.92
CA GLY A 109 0.76 -18.54 -20.28
C GLY A 109 -0.74 -18.70 -20.40
N LEU A 110 -1.18 -18.83 -21.66
CA LEU A 110 -2.60 -18.90 -21.96
C LEU A 110 -3.19 -20.21 -21.42
N LEU A 111 -4.49 -20.16 -21.13
CA LEU A 111 -5.24 -21.26 -20.55
C LEU A 111 -6.27 -21.78 -21.55
N PRO A 112 -6.62 -23.06 -21.50
CA PRO A 112 -7.65 -23.59 -22.40
C PRO A 112 -9.01 -22.97 -22.12
N SER A 113 -9.89 -23.07 -23.12
CA SER A 113 -11.10 -22.27 -23.15
C SER A 113 -12.07 -22.62 -22.02
N GLN A 114 -12.05 -23.86 -21.56
CA GLN A 114 -12.97 -24.32 -20.52
C GLN A 114 -12.29 -24.57 -19.19
N ALA A 115 -11.12 -23.95 -18.96
CA ALA A 115 -10.37 -24.17 -17.73
C ALA A 115 -11.22 -23.89 -16.51
N LYS A 116 -11.06 -24.72 -15.48
CA LYS A 116 -11.79 -24.58 -14.23
C LYS A 116 -10.79 -24.59 -13.07
N TYR A 117 -11.29 -24.29 -11.88
CA TYR A 117 -10.45 -24.26 -10.69
C TYR A 117 -11.11 -25.02 -9.55
N LYS A 118 -10.26 -25.53 -8.65
CA LYS A 118 -10.67 -26.31 -7.50
C LYS A 118 -9.78 -25.93 -6.33
N LEU A 119 -10.40 -25.66 -5.18
CA LEU A 119 -9.66 -25.28 -3.98
C LEU A 119 -9.44 -26.49 -3.08
N MET A 120 -8.23 -26.62 -2.55
CA MET A 120 -7.87 -27.72 -1.67
C MET A 120 -7.14 -27.18 -0.46
N LEU A 121 -7.34 -27.84 0.68
CA LEU A 121 -6.74 -27.47 1.94
C LEU A 121 -5.94 -28.63 2.48
N ASP A 122 -4.65 -28.42 2.70
CA ASP A 122 -3.73 -29.45 3.19
C ASP A 122 -3.59 -29.29 4.70
N THR A 123 -3.91 -30.35 5.44
CA THR A 123 -4.00 -30.29 6.89
C THR A 123 -3.23 -31.42 7.54
N LYS A 124 -2.95 -31.24 8.83
CA LYS A 124 -2.46 -32.33 9.65
C LYS A 124 -3.56 -33.39 9.82
N PRO A 125 -3.18 -34.66 10.02
CA PRO A 125 -4.19 -35.73 10.02
C PRO A 125 -5.25 -35.62 11.11
N GLY A 126 -4.90 -35.13 12.30
CA GLY A 126 -5.86 -35.10 13.39
C GLY A 126 -6.77 -33.89 13.36
N ARG A 127 -6.98 -33.33 12.19
CA ARG A 127 -7.72 -32.08 12.05
C ARG A 127 -9.18 -32.29 12.44
N PRO A 128 -9.81 -31.33 13.12
CA PRO A 128 -11.25 -31.42 13.37
C PRO A 128 -12.01 -31.46 12.05
N ASP A 129 -13.12 -32.21 12.05
CA ASP A 129 -13.95 -32.26 10.86
C ASP A 129 -14.67 -30.93 10.65
N VAL A 130 -14.80 -30.55 9.38
CA VAL A 130 -15.52 -29.35 8.97
C VAL A 130 -16.59 -29.78 7.98
N GLU A 131 -17.85 -29.41 8.28
CA GLU A 131 -19.00 -29.83 7.50
C GLU A 131 -18.80 -29.56 6.02
N GLY A 132 -19.00 -30.62 5.21
CA GLY A 132 -18.86 -30.53 3.78
C GLY A 132 -17.49 -30.85 3.25
N TRP A 133 -16.47 -30.90 4.11
CA TRP A 133 -15.10 -31.13 3.68
C TRP A 133 -14.72 -32.58 3.92
N SER A 134 -14.33 -33.26 2.84
CA SER A 134 -13.96 -34.66 2.88
C SER A 134 -12.62 -34.86 2.19
N LYS A 135 -12.08 -36.06 2.32
CA LYS A 135 -10.76 -36.36 1.78
C LYS A 135 -10.74 -36.16 0.26
N GLY A 136 -9.67 -35.54 -0.23
CA GLY A 136 -9.51 -35.34 -1.65
C GLY A 136 -8.23 -35.96 -2.16
N SER A 137 -7.92 -35.77 -3.44
CA SER A 137 -6.66 -36.21 -3.99
C SER A 137 -6.10 -35.12 -4.88
N TYR A 138 -4.79 -34.92 -4.82
CA TYR A 138 -4.15 -33.95 -5.68
C TYR A 138 -4.07 -34.47 -7.11
N ARG A 139 -4.28 -33.57 -8.06
CA ARG A 139 -3.94 -33.88 -9.44
C ARG A 139 -2.43 -33.97 -9.58
N SER A 140 -1.99 -34.80 -10.52
CA SER A 140 -0.57 -35.06 -10.68
C SER A 140 0.16 -33.82 -11.16
N THR A 141 1.30 -33.52 -10.53
CA THR A 141 2.15 -32.40 -10.93
C THR A 141 3.34 -32.85 -11.77
N ASP A 142 3.38 -34.11 -12.18
CA ASP A 142 4.50 -34.61 -12.98
C ASP A 142 4.61 -33.81 -14.27
N GLY A 143 5.84 -33.50 -14.65
CA GLY A 143 6.08 -32.67 -15.82
C GLY A 143 5.88 -31.19 -15.59
N MET A 144 5.68 -30.77 -14.33
CA MET A 144 5.55 -29.36 -13.98
C MET A 144 6.68 -28.97 -13.04
N VAL A 145 6.92 -27.67 -12.93
CA VAL A 145 8.00 -27.12 -12.13
C VAL A 145 7.39 -26.13 -11.13
N LYS A 146 7.91 -26.15 -9.90
CA LYS A 146 7.43 -25.28 -8.84
C LYS A 146 8.41 -24.14 -8.62
N GLN A 147 7.87 -22.93 -8.41
CA GLN A 147 8.67 -21.76 -8.09
C GLN A 147 8.01 -21.02 -6.93
N SER A 148 8.79 -20.78 -5.88
CA SER A 148 8.31 -20.02 -4.73
C SER A 148 8.22 -18.54 -5.08
N LEU A 149 7.23 -17.87 -4.50
CA LEU A 149 6.98 -16.46 -4.81
C LEU A 149 7.08 -15.55 -3.59
N GLY A 150 7.53 -16.05 -2.45
CA GLY A 150 7.65 -15.23 -1.27
C GLY A 150 6.34 -15.08 -0.52
N SER A 151 6.39 -14.31 0.56
CA SER A 151 5.25 -14.13 1.44
C SER A 151 4.27 -13.12 0.86
N THR A 152 3.00 -13.51 0.75
CA THR A 152 1.96 -12.66 0.18
C THR A 152 1.07 -12.01 1.22
N VAL A 153 1.10 -12.50 2.46
CA VAL A 153 0.27 -11.94 3.53
C VAL A 153 0.94 -12.27 4.86
N GLU A 154 0.84 -11.35 5.81
CA GLU A 154 1.25 -11.61 7.18
C GLU A 154 0.44 -10.72 8.11
N HIS A 155 0.09 -11.25 9.28
CA HIS A 155 -0.53 -10.46 10.35
C HIS A 155 0.08 -10.93 11.67
N SER A 156 1.05 -10.17 12.17
CA SER A 156 1.63 -10.38 13.50
C SER A 156 2.22 -11.78 13.67
N GLY A 157 2.97 -12.22 12.66
CA GLY A 157 3.66 -13.50 12.71
C GLY A 157 3.00 -14.63 11.94
N LEU A 158 1.68 -14.57 11.77
CA LEU A 158 0.96 -15.56 10.97
C LEU A 158 1.04 -15.12 9.50
N ALA A 159 1.66 -15.96 8.67
CA ALA A 159 2.02 -15.57 7.31
C ALA A 159 1.66 -16.67 6.33
N GLY A 160 1.60 -16.28 5.06
CA GLY A 160 1.42 -17.24 3.98
C GLY A 160 2.50 -17.09 2.93
N GLN A 161 3.21 -18.18 2.64
CA GLN A 161 4.26 -18.18 1.62
C GLN A 161 3.69 -18.79 0.35
N ALA A 162 3.75 -18.04 -0.75
CA ALA A 162 3.11 -18.45 -1.99
C ALA A 162 4.12 -19.05 -2.96
N GLY A 163 3.64 -20.02 -3.75
CA GLY A 163 4.39 -20.57 -4.86
C GLY A 163 3.41 -21.02 -5.91
N TYR A 164 3.93 -21.48 -7.04
CA TYR A 164 3.04 -21.91 -8.11
C TYR A 164 3.74 -22.94 -8.99
N TRP A 165 2.92 -23.69 -9.71
CA TRP A 165 3.38 -24.73 -10.63
C TRP A 165 3.00 -24.35 -12.05
N ARG A 166 3.93 -24.53 -12.98
CA ARG A 166 3.66 -24.30 -14.38
C ARG A 166 4.21 -25.46 -15.20
N GLN A 167 3.67 -25.64 -16.40
CA GLN A 167 4.18 -26.64 -17.31
C GLN A 167 5.47 -26.18 -17.95
N ARG A 168 6.48 -27.05 -17.98
CA ARG A 168 7.76 -26.70 -18.57
C ARG A 168 7.71 -26.84 -20.09
N SER B 1 -32.53 -15.40 20.16
CA SER B 1 -33.24 -16.38 19.35
C SER B 1 -32.40 -16.82 18.15
N ASN B 2 -31.69 -15.86 17.57
CA ASN B 2 -30.70 -16.11 16.52
C ASN B 2 -31.34 -16.46 15.18
N ALA B 3 -32.30 -15.66 14.72
CA ALA B 3 -32.96 -15.89 13.44
C ALA B 3 -32.82 -14.67 12.55
N SER B 4 -32.88 -14.92 11.24
CA SER B 4 -32.81 -13.86 10.24
C SER B 4 -34.04 -13.93 9.34
N THR B 5 -34.37 -12.79 8.73
CA THR B 5 -35.50 -12.72 7.80
C THR B 5 -35.16 -11.69 6.72
N VAL B 6 -36.01 -11.65 5.69
CA VAL B 6 -35.75 -10.77 4.55
C VAL B 6 -35.75 -9.32 5.01
N ALA B 7 -34.72 -8.58 4.62
CA ALA B 7 -34.55 -7.21 5.07
C ALA B 7 -35.14 -6.23 4.06
N THR B 8 -35.82 -5.22 4.58
CA THR B 8 -36.15 -4.02 3.80
C THR B 8 -35.02 -3.02 4.04
N TYR B 9 -34.25 -2.73 3.00
CA TYR B 9 -33.04 -1.94 3.15
C TYR B 9 -33.32 -0.45 3.04
N SER B 10 -32.54 0.33 3.79
CA SER B 10 -32.57 1.77 3.63
C SER B 10 -31.85 2.17 2.35
N TYR B 11 -32.14 3.38 1.89
CA TYR B 11 -31.42 3.90 0.73
C TYR B 11 -29.94 4.06 1.03
N THR B 12 -29.61 4.46 2.27
CA THR B 12 -28.21 4.54 2.68
C THR B 12 -27.50 3.21 2.53
N HIS B 13 -28.19 2.12 2.86
CA HIS B 13 -27.60 0.80 2.69
C HIS B 13 -27.33 0.52 1.21
N SER B 14 -28.30 0.83 0.35
CA SER B 14 -28.10 0.62 -1.08
C SER B 14 -26.95 1.46 -1.60
N VAL B 15 -26.85 2.70 -1.14
CA VAL B 15 -25.74 3.57 -1.53
C VAL B 15 -24.41 2.93 -1.14
N THR B 16 -24.31 2.43 0.10
CA THR B 16 -23.07 1.79 0.55
C THR B 16 -22.70 0.60 -0.34
N TYR B 17 -23.68 -0.23 -0.70
CA TYR B 17 -23.41 -1.37 -1.56
C TYR B 17 -22.98 -0.94 -2.94
N VAL B 18 -23.68 0.03 -3.53
CA VAL B 18 -23.37 0.48 -4.88
C VAL B 18 -22.00 1.16 -4.91
N THR B 19 -21.70 1.97 -3.90
CA THR B 19 -20.39 2.61 -3.81
C THR B 19 -19.27 1.58 -3.76
N ASP B 20 -19.40 0.59 -2.88
CA ASP B 20 -18.33 -0.39 -2.69
C ASP B 20 -18.05 -1.16 -3.99
N ASN B 21 -19.10 -1.51 -4.73
CA ASN B 21 -18.92 -2.33 -5.92
C ASN B 21 -18.56 -1.50 -7.16
N ILE B 22 -18.89 -0.21 -7.17
CA ILE B 22 -18.35 0.68 -8.20
C ILE B 22 -16.83 0.73 -8.08
N LEU B 23 -16.35 0.94 -6.86
CA LEU B 23 -14.90 1.02 -6.64
C LEU B 23 -14.22 -0.31 -6.92
N LYS B 24 -14.87 -1.41 -6.52
CA LYS B 24 -14.32 -2.73 -6.80
C LYS B 24 -14.24 -2.99 -8.30
N SER B 25 -15.26 -2.57 -9.06
CA SER B 25 -15.21 -2.74 -10.50
C SER B 25 -14.14 -1.87 -11.13
N LEU B 26 -13.92 -0.68 -10.58
CA LEU B 26 -12.83 0.17 -11.07
C LEU B 26 -11.47 -0.41 -10.70
N LYS B 27 -11.36 -1.03 -9.52
CA LYS B 27 -10.12 -1.68 -9.16
C LYS B 27 -9.80 -2.84 -10.08
N ASP B 28 -10.83 -3.59 -10.48
CA ASP B 28 -10.62 -4.68 -11.43
C ASP B 28 -10.16 -4.15 -12.78
N ILE B 29 -10.75 -3.04 -13.23
CA ILE B 29 -10.30 -2.39 -14.46
C ILE B 29 -8.82 -2.04 -14.37
N ILE B 30 -8.42 -1.43 -13.25
CA ILE B 30 -7.03 -1.05 -13.04
C ILE B 30 -6.12 -2.27 -13.05
N LEU B 31 -6.56 -3.35 -12.40
CA LEU B 31 -5.75 -4.57 -12.35
C LEU B 31 -5.63 -5.20 -13.74
N LEU B 32 -6.76 -5.41 -14.41
CA LEU B 32 -6.75 -6.05 -15.73
C LEU B 32 -6.06 -5.19 -16.78
N SER B 33 -5.98 -3.88 -16.57
CA SER B 33 -5.24 -3.00 -17.46
C SER B 33 -3.75 -3.01 -17.19
N GLY B 34 -3.30 -3.70 -16.13
CA GLY B 34 -1.89 -3.76 -15.82
C GLY B 34 -1.33 -2.56 -15.08
N LEU B 35 -2.19 -1.74 -14.49
CA LEU B 35 -1.76 -0.56 -13.76
C LEU B 35 -1.55 -0.90 -12.28
N ASP B 36 -0.81 -0.03 -11.60
CA ASP B 36 -0.52 -0.22 -10.19
C ASP B 36 -1.71 0.17 -9.35
N PRO B 37 -2.30 -0.73 -8.55
CA PRO B 37 -3.50 -0.40 -7.77
C PRO B 37 -3.25 0.23 -6.42
N GLU B 38 -1.99 0.47 -6.04
CA GLU B 38 -1.70 0.99 -4.70
C GLU B 38 -2.36 2.34 -4.47
N HIS B 39 -2.25 3.26 -5.44
CA HIS B 39 -2.85 4.59 -5.27
C HIS B 39 -4.35 4.51 -5.14
N PHE B 40 -5.00 3.63 -5.90
CA PHE B 40 -6.45 3.48 -5.80
C PHE B 40 -6.84 2.89 -4.46
N ALA B 41 -6.05 1.95 -3.95
CA ALA B 41 -6.31 1.40 -2.62
C ALA B 41 -6.07 2.45 -1.54
N ASP B 42 -5.05 3.29 -1.70
CA ASP B 42 -4.79 4.34 -0.73
C ASP B 42 -5.96 5.31 -0.65
N ARG B 43 -6.57 5.61 -1.78
CA ARG B 43 -7.66 6.58 -1.87
C ARG B 43 -9.03 5.95 -1.70
N TRP B 44 -9.08 4.70 -1.26
CA TRP B 44 -10.35 3.97 -1.23
C TRP B 44 -11.37 4.64 -0.33
N GLU B 45 -10.99 4.89 0.93
CA GLU B 45 -11.94 5.50 1.86
C GLU B 45 -12.24 6.94 1.51
N SER B 46 -11.27 7.65 0.93
CA SER B 46 -11.52 9.02 0.50
C SER B 46 -12.52 9.05 -0.64
N ASN B 47 -12.32 8.20 -1.67
CA ASN B 47 -13.31 8.09 -2.74
C ASN B 47 -14.65 7.63 -2.21
N THR B 48 -14.64 6.68 -1.26
CA THR B 48 -15.89 6.15 -0.71
C THR B 48 -16.74 7.25 -0.09
N ARG B 49 -16.12 8.12 0.70
CA ARG B 49 -16.85 9.18 1.38
C ARG B 49 -17.54 10.11 0.40
N ALA B 50 -16.83 10.50 -0.67
CA ALA B 50 -17.41 11.42 -1.64
C ALA B 50 -18.55 10.78 -2.42
N ILE B 51 -18.34 9.54 -2.88
CA ILE B 51 -19.36 8.86 -3.66
C ILE B 51 -20.60 8.59 -2.82
N LYS B 52 -20.41 8.18 -1.57
CA LYS B 52 -21.55 7.93 -0.69
C LYS B 52 -22.32 9.21 -0.41
N THR B 53 -21.60 10.31 -0.16
CA THR B 53 -22.26 11.58 0.11
C THR B 53 -23.14 12.00 -1.06
N TRP B 54 -22.57 12.02 -2.27
CA TRP B 54 -23.26 12.58 -3.43
C TRP B 54 -24.28 11.61 -4.02
N LEU B 55 -24.12 10.30 -3.78
CA LEU B 55 -25.20 9.38 -4.04
C LEU B 55 -26.34 9.58 -3.04
N GLY B 56 -25.99 9.80 -1.77
CA GLY B 56 -27.00 9.97 -0.75
C GLY B 56 -27.90 11.17 -0.97
N THR B 57 -27.35 12.25 -1.53
CA THR B 57 -28.14 13.42 -1.88
C THR B 57 -28.71 13.34 -3.29
N GLY B 58 -28.33 12.33 -4.07
CA GLY B 58 -28.73 12.26 -5.46
C GLY B 58 -28.02 13.23 -6.37
N ASP B 59 -26.94 13.86 -5.90
CA ASP B 59 -26.21 14.83 -6.71
C ASP B 59 -25.22 14.16 -7.67
N LEU B 60 -24.80 12.94 -7.37
CA LEU B 60 -23.80 12.26 -8.21
C LEU B 60 -24.43 11.82 -9.52
N ARG B 61 -23.82 12.25 -10.63
CA ARG B 61 -24.22 11.86 -11.97
C ARG B 61 -23.37 10.76 -12.56
N LYS B 62 -22.04 10.87 -12.42
CA LYS B 62 -21.13 9.89 -12.99
C LYS B 62 -19.93 9.72 -12.07
N VAL B 63 -19.43 8.50 -11.98
CA VAL B 63 -18.08 8.22 -11.49
C VAL B 63 -17.20 7.97 -12.70
N ILE B 64 -16.07 8.66 -12.77
CA ILE B 64 -15.24 8.67 -13.97
C ILE B 64 -13.79 8.43 -13.58
N LEU B 65 -13.17 7.45 -14.22
CA LEU B 65 -11.75 7.12 -14.04
C LEU B 65 -11.01 7.47 -15.33
N GLU B 66 -10.24 8.55 -15.29
CA GLU B 66 -9.38 8.93 -16.40
C GLU B 66 -8.06 8.19 -16.31
N ILE B 67 -7.65 7.56 -17.41
CA ILE B 67 -6.34 6.93 -17.52
C ILE B 67 -5.54 7.71 -18.54
N TYR B 68 -4.43 8.31 -18.10
CA TYR B 68 -3.78 9.36 -18.87
C TYR B 68 -2.27 9.18 -18.88
N ASN B 69 -1.65 9.81 -19.89
CA ASN B 69 -0.21 9.92 -20.10
C ASN B 69 0.32 11.06 -19.23
N PRO B 70 1.09 10.77 -18.18
CA PRO B 70 1.49 11.84 -17.25
C PRO B 70 2.42 12.87 -17.87
N ALA B 71 3.22 12.48 -18.87
CA ALA B 71 4.12 13.44 -19.51
C ALA B 71 3.35 14.49 -20.29
N THR B 72 2.41 14.05 -21.13
CA THR B 72 1.63 14.95 -21.95
C THR B 72 0.27 15.30 -21.33
N ASP B 73 -0.09 14.68 -20.21
CA ASP B 73 -1.34 14.98 -19.51
C ASP B 73 -2.57 14.72 -20.39
N LYS B 74 -2.48 13.72 -21.27
CA LYS B 74 -3.56 13.43 -22.21
C LYS B 74 -4.18 12.07 -21.96
N LEU B 75 -5.45 11.95 -22.33
CA LEU B 75 -6.25 10.79 -22.01
C LEU B 75 -5.88 9.62 -22.91
N VAL B 76 -5.67 8.46 -22.29
CA VAL B 76 -5.43 7.22 -23.05
C VAL B 76 -6.77 6.51 -23.19
N THR B 77 -7.38 6.16 -22.06
CA THR B 77 -8.73 5.62 -22.02
C THR B 77 -9.49 6.31 -20.91
N ARG B 78 -10.81 6.12 -20.88
CA ARG B 78 -11.63 6.66 -19.82
C ARG B 78 -12.78 5.69 -19.55
N TRP B 79 -13.11 5.54 -18.27
CA TRP B 79 -14.15 4.63 -17.82
C TRP B 79 -15.22 5.42 -17.08
N ASP B 80 -16.45 5.36 -17.57
CA ASP B 80 -17.58 6.07 -16.99
C ASP B 80 -18.56 5.07 -16.40
N ILE B 81 -19.06 5.37 -15.22
CA ILE B 81 -20.18 4.65 -14.61
C ILE B 81 -21.25 5.68 -14.32
N ASP B 82 -22.29 5.70 -15.16
CA ASP B 82 -23.39 6.66 -14.97
C ASP B 82 -24.38 6.13 -13.94
N ILE B 83 -24.81 7.01 -13.05
CA ILE B 83 -25.70 6.63 -11.95
C ILE B 83 -27.14 6.63 -12.46
N VAL B 84 -27.87 5.56 -12.16
CA VAL B 84 -29.29 5.46 -12.46
C VAL B 84 -30.04 5.49 -11.13
N TYR B 85 -30.78 6.57 -10.89
CA TYR B 85 -31.53 6.75 -9.66
C TYR B 85 -32.95 6.17 -9.84
N GLY B 86 -33.05 4.86 -9.70
CA GLY B 86 -34.33 4.20 -9.77
C GLY B 86 -34.77 3.58 -8.45
N TRP B 87 -34.27 4.12 -7.36
CA TRP B 87 -34.56 3.60 -6.02
C TRP B 87 -35.96 4.07 -5.59
N SER B 88 -36.93 3.16 -5.63
CA SER B 88 -38.28 3.42 -5.17
C SER B 88 -38.51 2.97 -3.73
N ASP B 89 -38.02 1.77 -3.39
CA ASP B 89 -38.09 1.25 -2.03
C ASP B 89 -36.86 0.36 -1.82
N GLY B 90 -36.80 -0.28 -0.66
CA GLY B 90 -35.65 -1.10 -0.33
C GLY B 90 -35.89 -2.60 -0.47
N ASP B 91 -36.91 -2.99 -1.24
CA ASP B 91 -37.27 -4.39 -1.38
C ASP B 91 -36.84 -4.97 -2.73
N GLY B 92 -36.05 -4.24 -3.51
CA GLY B 92 -35.63 -4.71 -4.82
C GLY B 92 -34.46 -5.67 -4.78
N SER B 93 -34.14 -6.23 -5.94
CA SER B 93 -33.03 -7.15 -6.05
C SER B 93 -31.72 -6.38 -6.07
N PHE B 94 -30.60 -7.11 -6.07
CA PHE B 94 -29.27 -6.52 -6.11
C PHE B 94 -28.34 -7.49 -6.81
N TRP B 95 -27.34 -6.95 -7.50
CA TRP B 95 -26.38 -7.80 -8.19
C TRP B 95 -25.21 -6.96 -8.67
N THR B 96 -24.10 -7.64 -8.95
CA THR B 96 -22.94 -7.05 -9.60
C THR B 96 -22.44 -7.99 -10.68
N ASP B 97 -21.89 -7.41 -11.76
CA ASP B 97 -21.36 -8.19 -12.86
C ASP B 97 -20.47 -7.30 -13.72
N THR B 98 -19.25 -7.77 -14.00
CA THR B 98 -18.25 -6.94 -14.66
C THR B 98 -17.65 -7.60 -15.90
N GLU B 99 -18.35 -8.57 -16.49
CA GLU B 99 -17.80 -9.29 -17.64
C GLU B 99 -17.59 -8.36 -18.83
N GLN B 100 -18.52 -7.43 -19.05
CA GLN B 100 -18.42 -6.51 -20.17
C GLN B 100 -17.16 -5.65 -20.09
N LEU B 101 -16.74 -5.31 -18.86
CA LEU B 101 -15.53 -4.52 -18.69
C LEU B 101 -14.30 -5.28 -19.18
N LYS B 102 -14.23 -6.58 -18.87
CA LYS B 102 -13.06 -7.38 -19.24
C LYS B 102 -12.85 -7.42 -20.74
N TYR B 103 -13.93 -7.56 -21.51
CA TYR B 103 -13.79 -7.60 -22.96
C TYR B 103 -13.43 -6.23 -23.52
N ALA B 104 -13.98 -5.17 -22.90
CA ALA B 104 -13.64 -3.81 -23.32
C ALA B 104 -12.16 -3.54 -23.12
N ILE B 105 -11.58 -4.05 -22.04
CA ILE B 105 -10.16 -3.83 -21.76
C ILE B 105 -9.30 -4.46 -22.84
N LYS B 106 -9.66 -5.69 -23.26
CA LYS B 106 -8.89 -6.36 -24.31
C LYS B 106 -9.02 -5.63 -25.64
N LYS B 107 -10.20 -5.05 -25.92
CA LYS B 107 -10.37 -4.25 -27.13
C LYS B 107 -9.72 -2.88 -27.03
N ALA B 108 -9.43 -2.42 -25.81
CA ALA B 108 -8.98 -1.03 -25.63
C ALA B 108 -7.55 -0.80 -26.09
N GLY B 109 -6.75 -1.85 -26.24
CA GLY B 109 -5.39 -1.69 -26.71
C GLY B 109 -4.39 -1.45 -25.58
N LEU B 110 -3.15 -1.26 -25.99
CA LEU B 110 -2.04 -1.14 -25.05
C LEU B 110 -2.00 0.23 -24.40
N LEU B 111 -1.57 0.27 -23.15
CA LEU B 111 -1.39 1.46 -22.34
C LEU B 111 0.08 1.79 -22.20
N PRO B 112 0.42 3.08 -22.09
CA PRO B 112 1.82 3.45 -21.83
C PRO B 112 2.26 2.99 -20.44
N SER B 113 3.55 2.69 -20.32
CA SER B 113 4.05 2.07 -19.10
C SER B 113 3.93 2.99 -17.90
N GLN B 114 4.04 4.30 -18.10
CA GLN B 114 3.91 5.27 -17.02
C GLN B 114 2.50 5.80 -16.85
N ALA B 115 1.50 5.11 -17.42
CA ALA B 115 0.13 5.60 -17.36
C ALA B 115 -0.35 5.75 -15.92
N LYS B 116 -1.09 6.82 -15.68
CA LYS B 116 -1.66 7.10 -14.37
C LYS B 116 -3.18 7.20 -14.49
N TYR B 117 -3.86 6.96 -13.37
CA TYR B 117 -5.31 7.06 -13.31
C TYR B 117 -5.73 8.11 -12.28
N LYS B 118 -6.91 8.66 -12.51
CA LYS B 118 -7.43 9.76 -11.70
C LYS B 118 -8.94 9.65 -11.63
N LEU B 119 -9.50 9.60 -10.43
CA LEU B 119 -10.94 9.48 -10.25
C LEU B 119 -11.57 10.86 -10.16
N MET B 120 -12.71 11.03 -10.84
CA MET B 120 -13.46 12.27 -10.81
C MET B 120 -14.95 11.96 -10.70
N LEU B 121 -15.70 12.93 -10.17
CA LEU B 121 -17.11 12.74 -9.86
C LEU B 121 -17.92 13.86 -10.51
N ASP B 122 -18.72 13.49 -11.50
CA ASP B 122 -19.61 14.44 -12.17
C ASP B 122 -20.87 14.61 -11.33
N THR B 123 -21.12 15.84 -10.89
CA THR B 123 -22.19 16.12 -9.93
C THR B 123 -23.08 17.25 -10.44
N LYS B 124 -24.26 17.36 -9.83
CA LYS B 124 -25.08 18.53 -10.02
C LYS B 124 -24.45 19.73 -9.31
N PRO B 125 -24.69 20.95 -9.81
CA PRO B 125 -23.94 22.11 -9.29
C PRO B 125 -24.17 22.41 -7.81
N GLY B 126 -25.36 22.14 -7.28
CA GLY B 126 -25.69 22.48 -5.90
C GLY B 126 -25.18 21.52 -4.85
N ARG B 127 -24.37 20.54 -5.25
CA ARG B 127 -23.93 19.48 -4.36
C ARG B 127 -23.28 20.06 -3.11
N PRO B 128 -23.47 19.43 -1.95
CA PRO B 128 -22.77 19.90 -0.75
C PRO B 128 -21.27 19.63 -0.86
N ASP B 129 -20.49 20.51 -0.23
CA ASP B 129 -19.05 20.36 -0.31
C ASP B 129 -18.57 19.15 0.47
N VAL B 130 -17.51 18.53 -0.04
CA VAL B 130 -16.86 17.39 0.59
C VAL B 130 -15.39 17.72 0.74
N GLU B 131 -14.85 17.54 1.94
CA GLU B 131 -13.51 17.98 2.27
C GLU B 131 -12.47 17.33 1.37
N GLY B 132 -11.62 18.16 0.76
CA GLY B 132 -10.60 17.71 -0.16
C GLY B 132 -11.02 17.73 -1.61
N TRP B 133 -12.30 17.87 -1.91
CA TRP B 133 -12.81 17.84 -3.27
C TRP B 133 -13.12 19.24 -3.74
N SER B 134 -12.64 19.59 -4.93
CA SER B 134 -12.85 20.90 -5.50
C SER B 134 -13.13 20.75 -6.99
N LYS B 135 -13.50 21.85 -7.63
CA LYS B 135 -13.84 21.83 -9.04
C LYS B 135 -12.64 21.40 -9.88
N GLY B 136 -12.86 20.46 -10.78
CA GLY B 136 -11.82 20.01 -11.68
C GLY B 136 -12.20 20.22 -13.13
N SER B 137 -11.48 19.57 -14.05
CA SER B 137 -11.75 19.68 -15.48
C SER B 137 -11.40 18.37 -16.15
N TYR B 138 -12.25 17.98 -17.11
CA TYR B 138 -12.01 16.75 -17.85
C TYR B 138 -10.85 16.93 -18.83
N ARG B 139 -10.04 15.88 -18.97
CA ARG B 139 -9.14 15.83 -20.10
C ARG B 139 -9.93 15.60 -21.38
N SER B 140 -9.45 16.18 -22.47
CA SER B 140 -10.20 16.14 -23.72
C SER B 140 -10.41 14.71 -24.18
N THR B 141 -11.61 14.44 -24.70
CA THR B 141 -11.92 13.16 -25.31
C THR B 141 -11.93 13.24 -26.84
N ASP B 142 -11.24 14.22 -27.41
CA ASP B 142 -11.21 14.39 -28.85
C ASP B 142 -10.58 13.17 -29.51
N GLY B 143 -11.20 12.71 -30.60
CA GLY B 143 -10.71 11.52 -31.29
C GLY B 143 -10.96 10.22 -30.57
N MET B 144 -11.80 10.22 -29.53
CA MET B 144 -12.13 9.02 -28.78
C MET B 144 -13.62 8.73 -28.92
N VAL B 145 -13.96 7.45 -28.92
CA VAL B 145 -15.33 6.99 -29.09
C VAL B 145 -15.79 6.34 -27.79
N LYS B 146 -16.99 6.72 -27.33
CA LYS B 146 -17.60 6.11 -26.16
C LYS B 146 -18.47 4.93 -26.60
N GLN B 147 -18.33 3.81 -25.90
CA GLN B 147 -19.15 2.64 -26.12
C GLN B 147 -19.83 2.26 -24.81
N SER B 148 -21.12 1.98 -24.87
CA SER B 148 -21.85 1.55 -23.69
C SER B 148 -21.56 0.08 -23.39
N LEU B 149 -21.39 -0.22 -22.11
CA LEU B 149 -21.12 -1.58 -21.67
C LEU B 149 -22.22 -2.10 -20.72
N GLY B 150 -23.38 -1.45 -20.71
CA GLY B 150 -24.50 -1.91 -19.90
C GLY B 150 -24.25 -1.78 -18.41
N SER B 151 -25.19 -2.35 -17.65
CA SER B 151 -25.22 -2.19 -16.20
C SER B 151 -24.32 -3.20 -15.50
N THR B 152 -23.53 -2.70 -14.54
CA THR B 152 -22.59 -3.51 -13.79
C THR B 152 -22.92 -3.64 -12.30
N VAL B 153 -23.73 -2.75 -11.75
CA VAL B 153 -24.11 -2.81 -10.34
C VAL B 153 -25.55 -2.32 -10.20
N GLU B 154 -26.30 -2.96 -9.31
CA GLU B 154 -27.65 -2.52 -8.96
C GLU B 154 -27.95 -2.94 -7.53
N HIS B 155 -28.58 -2.05 -6.77
CA HIS B 155 -29.12 -2.40 -5.46
C HIS B 155 -30.48 -1.73 -5.33
N SER B 156 -31.54 -2.55 -5.43
CA SER B 156 -32.92 -2.12 -5.21
C SER B 156 -33.25 -0.83 -5.97
N GLY B 157 -32.91 -0.82 -7.27
CA GLY B 157 -33.22 0.29 -8.15
C GLY B 157 -32.09 1.28 -8.34
N LEU B 158 -31.19 1.42 -7.38
CA LEU B 158 -30.00 2.25 -7.55
C LEU B 158 -28.97 1.46 -8.35
N ALA B 159 -28.59 1.98 -9.52
CA ALA B 159 -27.79 1.23 -10.46
C ALA B 159 -26.72 2.11 -11.06
N GLY B 160 -25.68 1.47 -11.58
CA GLY B 160 -24.65 2.14 -12.34
C GLY B 160 -24.51 1.50 -13.71
N GLN B 161 -24.46 2.31 -14.75
CA GLN B 161 -24.35 1.82 -16.13
C GLN B 161 -22.99 2.21 -16.68
N ALA B 162 -22.20 1.22 -17.09
CA ALA B 162 -20.81 1.44 -17.45
C ALA B 162 -20.66 1.78 -18.92
N GLY B 163 -19.60 2.54 -19.22
CA GLY B 163 -19.19 2.84 -20.58
C GLY B 163 -17.72 3.16 -20.56
N TYR B 164 -17.11 3.16 -21.75
CA TYR B 164 -15.69 3.43 -21.82
C TYR B 164 -15.36 4.18 -23.11
N TRP B 165 -14.32 4.99 -23.03
CA TRP B 165 -13.81 5.76 -24.17
C TRP B 165 -12.48 5.15 -24.59
N ARG B 166 -12.34 4.89 -25.89
CA ARG B 166 -11.08 4.37 -26.42
C ARG B 166 -10.73 5.13 -27.69
N GLN B 167 -9.49 4.96 -28.13
CA GLN B 167 -9.00 5.70 -29.28
C GLN B 167 -9.42 5.01 -30.57
N ARG B 168 -9.86 5.80 -31.55
CA ARG B 168 -10.28 5.26 -32.83
C ARG B 168 -9.12 4.58 -33.55
N ALA C 3 22.22 -27.26 -34.32
CA ALA C 3 22.97 -26.23 -35.04
C ALA C 3 22.82 -24.87 -34.37
N SER C 4 21.99 -24.02 -34.97
CA SER C 4 21.81 -22.67 -34.47
C SER C 4 20.92 -22.68 -33.23
N THR C 5 21.26 -21.83 -32.27
CA THR C 5 20.46 -21.62 -31.07
C THR C 5 20.03 -20.16 -31.02
N VAL C 6 18.90 -19.92 -30.38
CA VAL C 6 18.29 -18.59 -30.31
C VAL C 6 18.33 -18.10 -28.88
N ALA C 7 18.70 -16.84 -28.68
CA ALA C 7 18.77 -16.21 -27.37
C ALA C 7 17.69 -15.12 -27.27
N THR C 8 17.08 -15.01 -26.10
CA THR C 8 16.09 -13.98 -25.83
C THR C 8 16.43 -13.30 -24.51
N TYR C 9 15.88 -12.10 -24.34
CA TYR C 9 16.12 -11.29 -23.15
C TYR C 9 14.94 -11.48 -22.20
N SER C 10 15.14 -12.32 -21.17
CA SER C 10 14.14 -12.59 -20.14
C SER C 10 14.48 -11.90 -18.83
N TYR C 11 15.48 -11.02 -18.84
CA TYR C 11 15.98 -10.30 -17.67
C TYR C 11 15.00 -9.26 -17.14
N THR C 12 13.98 -8.87 -17.92
CA THR C 12 13.30 -7.60 -17.70
C THR C 12 12.64 -7.51 -16.32
N HIS C 13 11.94 -8.56 -15.88
CA HIS C 13 11.28 -8.48 -14.59
C HIS C 13 12.27 -8.50 -13.44
N SER C 14 13.34 -9.29 -13.57
CA SER C 14 14.38 -9.30 -12.54
C SER C 14 15.00 -7.93 -12.38
N VAL C 15 15.36 -7.29 -13.50
CA VAL C 15 15.92 -5.94 -13.48
C VAL C 15 14.95 -4.98 -12.80
N THR C 16 13.66 -5.07 -13.16
CA THR C 16 12.67 -4.15 -12.61
C THR C 16 12.51 -4.34 -11.10
N TYR C 17 12.48 -5.60 -10.67
CA TYR C 17 12.36 -5.89 -9.24
C TYR C 17 13.58 -5.41 -8.48
N VAL C 18 14.78 -5.71 -8.99
CA VAL C 18 16.02 -5.35 -8.28
C VAL C 18 16.20 -3.84 -8.26
N THR C 19 15.85 -3.16 -9.34
CA THR C 19 15.96 -1.71 -9.37
C THR C 19 15.03 -1.06 -8.36
N ASP C 20 13.74 -1.41 -8.42
CA ASP C 20 12.74 -0.77 -7.57
C ASP C 20 13.04 -0.96 -6.08
N ASN C 21 13.58 -2.12 -5.71
CA ASN C 21 13.83 -2.41 -4.30
C ASN C 21 15.19 -1.90 -3.82
N ILE C 22 16.16 -1.77 -4.72
CA ILE C 22 17.36 -1.00 -4.40
C ILE C 22 16.98 0.42 -4.03
N LEU C 23 16.13 1.03 -4.86
CA LEU C 23 15.69 2.40 -4.58
C LEU C 23 14.84 2.45 -3.32
N LYS C 24 14.01 1.44 -3.08
CA LYS C 24 13.18 1.43 -1.89
C LYS C 24 14.03 1.34 -0.62
N SER C 25 15.07 0.51 -0.65
CA SER C 25 15.89 0.33 0.55
C SER C 25 16.74 1.56 0.82
N LEU C 26 17.26 2.21 -0.23
CA LEU C 26 17.94 3.49 -0.05
C LEU C 26 16.99 4.54 0.49
N LYS C 27 15.74 4.53 0.01
CA LYS C 27 14.72 5.43 0.55
C LYS C 27 14.50 5.16 2.03
N ASP C 28 14.52 3.89 2.42
CA ASP C 28 14.36 3.56 3.83
C ASP C 28 15.56 4.05 4.65
N ILE C 29 16.77 3.84 4.14
CA ILE C 29 17.96 4.35 4.82
C ILE C 29 17.86 5.85 5.04
N ILE C 30 17.36 6.57 4.05
CA ILE C 30 17.20 8.01 4.17
C ILE C 30 16.15 8.34 5.24
N LEU C 31 14.98 7.71 5.14
CA LEU C 31 13.92 7.98 6.10
C LEU C 31 14.34 7.58 7.51
N LEU C 32 14.95 6.40 7.65
CA LEU C 32 15.39 5.97 8.98
C LEU C 32 16.52 6.84 9.52
N SER C 33 17.28 7.51 8.65
CA SER C 33 18.27 8.46 9.12
C SER C 33 17.67 9.83 9.44
N GLY C 34 16.37 10.01 9.22
CA GLY C 34 15.72 11.27 9.49
C GLY C 34 15.97 12.36 8.47
N LEU C 35 16.47 12.02 7.29
CA LEU C 35 16.73 13.01 6.25
C LEU C 35 15.49 13.19 5.37
N ASP C 36 15.55 14.20 4.50
CA ASP C 36 14.41 14.54 3.64
C ASP C 36 14.50 13.73 2.34
N PRO C 37 13.55 12.85 2.07
CA PRO C 37 13.61 12.06 0.82
C PRO C 37 13.11 12.79 -0.42
N GLU C 38 12.67 14.05 -0.29
CA GLU C 38 12.09 14.75 -1.43
C GLU C 38 13.07 14.82 -2.59
N HIS C 39 14.30 15.24 -2.32
CA HIS C 39 15.36 15.22 -3.33
C HIS C 39 15.49 13.84 -3.97
N PHE C 40 15.52 12.79 -3.14
CA PHE C 40 15.61 11.44 -3.67
C PHE C 40 14.34 11.03 -4.40
N ALA C 41 13.18 11.43 -3.87
CA ALA C 41 11.91 11.05 -4.49
C ALA C 41 11.75 11.71 -5.86
N ASP C 42 12.19 12.96 -5.99
CA ASP C 42 12.05 13.66 -7.27
C ASP C 42 12.86 12.98 -8.37
N ARG C 43 14.04 12.46 -8.04
CA ARG C 43 14.90 11.82 -9.01
C ARG C 43 14.59 10.34 -9.21
N TRP C 44 13.43 9.89 -8.72
CA TRP C 44 13.12 8.46 -8.77
C TRP C 44 13.06 7.95 -10.21
N GLU C 45 12.41 8.71 -11.10
CA GLU C 45 12.34 8.30 -12.50
C GLU C 45 13.73 8.24 -13.12
N SER C 46 14.59 9.21 -12.78
CA SER C 46 15.94 9.27 -13.34
C SER C 46 16.84 8.18 -12.77
N ASN C 47 16.81 7.99 -11.45
CA ASN C 47 17.59 6.91 -10.85
C ASN C 47 17.16 5.56 -11.42
N THR C 48 15.85 5.37 -11.61
CA THR C 48 15.34 4.12 -12.16
C THR C 48 15.88 3.89 -13.57
N ARG C 49 15.86 4.91 -14.40
CA ARG C 49 16.32 4.78 -15.78
C ARG C 49 17.79 4.39 -15.84
N ALA C 50 18.63 4.99 -14.98
CA ALA C 50 20.06 4.71 -15.04
C ALA C 50 20.38 3.31 -14.53
N ILE C 51 19.71 2.89 -13.46
CA ILE C 51 20.00 1.59 -12.85
C ILE C 51 19.50 0.45 -13.74
N LYS C 52 18.27 0.59 -14.25
CA LYS C 52 17.74 -0.42 -15.16
C LYS C 52 18.58 -0.51 -16.43
N THR C 53 19.00 0.64 -16.98
CA THR C 53 19.81 0.64 -18.19
C THR C 53 21.14 -0.08 -17.96
N TRP C 54 21.87 0.31 -16.92
CA TRP C 54 23.20 -0.22 -16.69
C TRP C 54 23.17 -1.62 -16.07
N LEU C 55 22.05 -2.02 -15.48
CA LEU C 55 21.83 -3.43 -15.20
C LEU C 55 21.64 -4.20 -16.50
N GLY C 56 20.82 -3.65 -17.41
CA GLY C 56 20.52 -4.35 -18.64
C GLY C 56 21.74 -4.57 -19.51
N THR C 57 22.71 -3.67 -19.45
CA THR C 57 23.95 -3.84 -20.18
C THR C 57 25.02 -4.56 -19.39
N GLY C 58 24.75 -4.86 -18.12
CA GLY C 58 25.74 -5.47 -17.26
C GLY C 58 26.84 -4.54 -16.82
N ASP C 59 26.69 -3.23 -17.05
CA ASP C 59 27.74 -2.27 -16.72
C ASP C 59 27.71 -1.84 -15.26
N LEU C 60 26.56 -1.96 -14.60
CA LEU C 60 26.41 -1.48 -13.23
C LEU C 60 27.18 -2.38 -12.27
N ARG C 61 28.09 -1.78 -11.51
CA ARG C 61 28.87 -2.47 -10.48
C ARG C 61 28.35 -2.22 -9.07
N LYS C 62 28.06 -0.97 -8.73
CA LYS C 62 27.62 -0.62 -7.39
C LYS C 62 26.59 0.50 -7.45
N VAL C 63 25.67 0.49 -6.48
CA VAL C 63 24.82 1.63 -6.20
C VAL C 63 25.23 2.15 -4.83
N ILE C 64 25.70 3.39 -4.79
CA ILE C 64 26.35 3.95 -3.61
C ILE C 64 25.65 5.23 -3.21
N LEU C 65 25.22 5.28 -1.95
CA LEU C 65 24.59 6.47 -1.38
C LEU C 65 25.57 7.08 -0.37
N GLU C 66 26.09 8.25 -0.69
CA GLU C 66 26.90 9.02 0.24
C GLU C 66 25.99 9.85 1.14
N ILE C 67 26.32 9.88 2.43
CA ILE C 67 25.66 10.76 3.38
C ILE C 67 26.74 11.59 4.07
N TYR C 68 26.75 12.89 3.81
CA TYR C 68 27.86 13.75 4.21
C TYR C 68 27.35 14.95 5.01
N ASN C 69 28.30 15.58 5.72
CA ASN C 69 28.06 16.83 6.43
C ASN C 69 28.40 17.96 5.48
N PRO C 70 27.45 18.80 5.07
CA PRO C 70 27.77 19.91 4.16
C PRO C 70 28.76 20.90 4.75
N ALA C 71 28.82 21.01 6.07
CA ALA C 71 29.75 21.96 6.70
C ALA C 71 31.19 21.55 6.45
N THR C 72 31.53 20.28 6.73
CA THR C 72 32.87 19.78 6.53
C THR C 72 33.07 19.09 5.18
N ASP C 73 31.98 18.75 4.48
CA ASP C 73 32.00 18.04 3.20
C ASP C 73 32.55 16.63 3.32
N LYS C 74 32.60 16.07 4.54
CA LYS C 74 33.12 14.74 4.76
C LYS C 74 32.00 13.73 4.96
N LEU C 75 32.26 12.49 4.55
CA LEU C 75 31.30 11.40 4.73
C LEU C 75 30.99 11.19 6.21
N VAL C 76 29.73 10.95 6.51
CA VAL C 76 29.29 10.49 7.82
C VAL C 76 28.97 8.99 7.79
N THR C 77 28.13 8.58 6.85
CA THR C 77 27.95 7.18 6.50
C THR C 77 27.91 7.07 4.98
N ARG C 78 28.18 5.86 4.50
CA ARG C 78 28.04 5.54 3.08
C ARG C 78 27.45 4.16 2.97
N TRP C 79 26.53 3.98 2.01
CA TRP C 79 25.78 2.75 1.88
C TRP C 79 26.00 2.18 0.48
N ASP C 80 26.59 1.00 0.41
CA ASP C 80 26.97 0.36 -0.85
C ASP C 80 26.03 -0.80 -1.14
N ILE C 81 25.65 -0.95 -2.40
CA ILE C 81 24.92 -2.12 -2.87
C ILE C 81 25.68 -2.62 -4.09
N ASP C 82 26.41 -3.72 -3.91
CA ASP C 82 27.18 -4.31 -5.00
C ASP C 82 26.28 -5.24 -5.81
N ILE C 83 26.35 -5.11 -7.13
CA ILE C 83 25.53 -5.94 -8.00
C ILE C 83 26.23 -7.26 -8.24
N VAL C 84 25.49 -8.36 -8.13
CA VAL C 84 25.99 -9.70 -8.45
C VAL C 84 25.17 -10.24 -9.61
N TYR C 85 25.84 -10.49 -10.74
CA TYR C 85 25.18 -11.05 -11.92
C TYR C 85 25.27 -12.57 -11.84
N GLY C 86 24.43 -13.14 -10.97
CA GLY C 86 24.31 -14.58 -10.89
C GLY C 86 23.06 -15.09 -11.57
N TRP C 87 22.61 -14.36 -12.59
CA TRP C 87 21.34 -14.66 -13.23
C TRP C 87 21.41 -15.96 -14.02
N SER C 88 20.23 -16.54 -14.26
CA SER C 88 20.11 -17.81 -14.97
C SER C 88 19.15 -17.67 -16.14
N GLY C 92 13.54 -17.98 -11.17
CA GLY C 92 14.18 -18.28 -9.91
C GLY C 92 13.59 -17.55 -8.72
N SER C 93 14.13 -17.82 -7.54
CA SER C 93 13.63 -17.25 -6.31
C SER C 93 14.06 -15.79 -6.17
N PHE C 94 13.28 -15.05 -5.38
CA PHE C 94 13.50 -13.62 -5.18
C PHE C 94 13.05 -13.26 -3.77
N TRP C 95 13.64 -12.18 -3.23
CA TRP C 95 13.22 -11.67 -1.94
C TRP C 95 13.80 -10.27 -1.73
N THR C 96 13.41 -9.65 -0.62
CA THR C 96 13.99 -8.43 -0.12
C THR C 96 14.18 -8.55 1.39
N ASP C 97 15.31 -8.06 1.88
CA ASP C 97 15.58 -7.98 3.31
C ASP C 97 15.98 -6.55 3.65
N THR C 98 15.31 -5.98 4.64
CA THR C 98 15.55 -4.62 5.11
C THR C 98 15.87 -4.59 6.60
N GLU C 99 15.85 -5.74 7.27
CA GLU C 99 16.10 -5.75 8.72
C GLU C 99 17.54 -5.37 9.04
N GLN C 100 18.50 -5.86 8.24
CA GLN C 100 19.91 -5.51 8.45
C GLN C 100 20.10 -3.99 8.42
N LEU C 101 19.41 -3.30 7.50
CA LEU C 101 19.55 -1.86 7.39
C LEU C 101 19.14 -1.15 8.68
N LYS C 102 18.01 -1.58 9.26
CA LYS C 102 17.50 -0.93 10.46
C LYS C 102 18.50 -1.00 11.61
N TYR C 103 19.03 -2.20 11.88
CA TYR C 103 20.04 -2.37 12.92
C TYR C 103 21.26 -1.50 12.64
N ALA C 104 21.69 -1.44 11.37
CA ALA C 104 22.89 -0.70 11.02
C ALA C 104 22.71 0.79 11.28
N ILE C 105 21.56 1.34 10.91
CA ILE C 105 21.31 2.77 11.08
C ILE C 105 21.28 3.13 12.56
N LYS C 106 20.60 2.33 13.36
CA LYS C 106 20.58 2.54 14.80
C LYS C 106 21.99 2.53 15.37
N LYS C 107 22.78 1.52 15.00
CA LYS C 107 24.17 1.46 15.45
C LYS C 107 24.96 2.66 14.95
N ALA C 108 24.65 3.14 13.74
CA ALA C 108 25.43 4.25 13.16
C ALA C 108 25.32 5.51 14.00
N GLY C 109 24.22 5.67 14.74
CA GLY C 109 24.08 6.80 15.63
C GLY C 109 23.44 8.01 14.97
N LEU C 110 23.46 9.10 15.73
CA LEU C 110 22.83 10.34 15.27
C LEU C 110 23.65 11.00 14.18
N LEU C 111 22.95 11.57 13.20
CA LEU C 111 23.56 12.33 12.13
C LEU C 111 23.54 13.82 12.46
N PRO C 112 24.45 14.60 11.88
CA PRO C 112 24.31 16.05 11.97
C PRO C 112 23.00 16.50 11.33
N SER C 113 22.41 17.55 11.90
CA SER C 113 21.04 17.93 11.54
C SER C 113 20.91 18.23 10.05
N GLN C 114 21.93 18.85 9.46
CA GLN C 114 21.89 19.30 8.07
C GLN C 114 22.54 18.31 7.11
N ALA C 115 22.68 17.05 7.52
CA ALA C 115 23.29 16.04 6.66
C ALA C 115 22.55 15.95 5.33
N LYS C 116 23.31 15.70 4.27
CA LYS C 116 22.76 15.56 2.92
C LYS C 116 23.21 14.23 2.33
N TYR C 117 22.56 13.83 1.25
CA TYR C 117 22.91 12.59 0.58
C TYR C 117 23.19 12.85 -0.90
N LYS C 118 23.95 11.93 -1.48
CA LYS C 118 24.32 12.00 -2.89
C LYS C 118 24.38 10.58 -3.43
N LEU C 119 23.63 10.31 -4.48
CA LEU C 119 23.62 8.99 -5.10
C LEU C 119 24.66 8.90 -6.21
N MET C 120 25.44 7.83 -6.21
CA MET C 120 26.41 7.56 -7.26
C MET C 120 26.27 6.13 -7.75
N LEU C 121 26.49 5.95 -9.05
CA LEU C 121 26.44 4.65 -9.70
C LEU C 121 27.81 4.34 -10.25
N ASP C 122 28.41 3.25 -9.77
CA ASP C 122 29.71 2.80 -10.26
C ASP C 122 29.50 1.84 -11.42
N THR C 123 30.18 2.08 -12.53
CA THR C 123 29.93 1.35 -13.76
C THR C 123 31.25 0.95 -14.41
N LYS C 124 31.15 0.04 -15.38
CA LYS C 124 32.29 -0.26 -16.23
C LYS C 124 32.64 0.96 -17.07
N PRO C 125 33.91 1.12 -17.45
CA PRO C 125 34.31 2.39 -18.11
C PRO C 125 33.65 2.65 -19.45
N GLY C 126 33.17 1.62 -20.15
CA GLY C 126 32.65 1.82 -21.49
C GLY C 126 31.14 1.77 -21.60
N ARG C 127 30.45 2.07 -20.51
CA ARG C 127 29.00 1.97 -20.49
C ARG C 127 28.36 3.04 -21.37
N PRO C 128 27.16 2.81 -21.87
CA PRO C 128 26.47 3.83 -22.66
C PRO C 128 26.01 4.99 -21.77
N ASP C 129 26.04 6.19 -22.35
CA ASP C 129 25.58 7.36 -21.62
C ASP C 129 24.09 7.26 -21.34
N VAL C 130 23.68 7.85 -20.22
CA VAL C 130 22.28 7.93 -19.83
C VAL C 130 21.96 9.39 -19.54
N GLU C 131 20.89 9.89 -20.16
CA GLU C 131 20.48 11.27 -19.95
C GLU C 131 20.19 11.53 -18.48
N GLY C 132 20.77 12.62 -17.96
CA GLY C 132 20.66 12.95 -16.56
C GLY C 132 21.85 12.54 -15.71
N TRP C 133 22.84 11.86 -16.29
CA TRP C 133 23.96 11.30 -15.52
C TRP C 133 25.27 11.62 -16.20
N SER C 134 26.23 12.11 -15.42
CA SER C 134 27.56 12.45 -15.92
C SER C 134 28.60 11.98 -14.91
N LYS C 135 29.86 12.01 -15.31
CA LYS C 135 30.95 11.58 -14.45
C LYS C 135 30.95 12.36 -13.15
N GLY C 136 31.27 11.66 -12.05
CA GLY C 136 31.35 12.25 -10.74
C GLY C 136 32.56 11.74 -9.99
N SER C 137 32.68 12.19 -8.74
CA SER C 137 33.80 11.81 -7.89
C SER C 137 33.29 11.31 -6.55
N TYR C 138 34.06 10.42 -5.93
CA TYR C 138 33.72 9.90 -4.61
C TYR C 138 34.36 10.73 -3.52
N ARG C 139 33.65 10.89 -2.42
CA ARG C 139 34.27 11.39 -1.20
C ARG C 139 35.16 10.31 -0.59
N SER C 140 36.08 10.74 0.26
CA SER C 140 37.06 9.82 0.81
C SER C 140 36.44 8.93 1.88
N THR C 141 36.83 7.64 1.87
CA THR C 141 36.45 6.69 2.90
C THR C 141 37.58 6.48 3.91
N ASP C 142 38.47 7.46 4.04
CA ASP C 142 39.57 7.37 5.00
C ASP C 142 39.03 7.46 6.42
N GLY C 143 39.57 6.62 7.30
CA GLY C 143 39.10 6.56 8.67
C GLY C 143 37.74 5.92 8.84
N MET C 144 37.20 5.30 7.81
CA MET C 144 35.91 4.64 7.88
C MET C 144 36.11 3.12 7.77
N VAL C 145 35.22 2.37 8.40
CA VAL C 145 35.26 0.92 8.40
C VAL C 145 34.00 0.41 7.71
N LYS C 146 34.17 -0.58 6.84
CA LYS C 146 33.08 -1.13 6.05
C LYS C 146 32.57 -2.41 6.70
N GLN C 147 31.28 -2.67 6.55
CA GLN C 147 30.66 -3.87 7.09
C GLN C 147 29.58 -4.36 6.14
N SER C 148 29.59 -5.66 5.87
CA SER C 148 28.61 -6.28 4.98
C SER C 148 27.27 -6.42 5.68
N LEU C 149 26.20 -6.24 4.91
CA LEU C 149 24.84 -6.35 5.41
C LEU C 149 24.05 -7.46 4.74
N GLY C 150 24.71 -8.31 3.96
CA GLY C 150 24.02 -9.35 3.24
C GLY C 150 23.31 -8.82 2.01
N SER C 151 22.42 -9.65 1.49
CA SER C 151 21.64 -9.32 0.31
C SER C 151 20.34 -8.64 0.74
N THR C 152 20.15 -7.40 0.30
CA THR C 152 18.91 -6.69 0.55
C THR C 152 17.85 -6.97 -0.51
N VAL C 153 18.26 -7.41 -1.70
CA VAL C 153 17.31 -7.73 -2.75
C VAL C 153 17.96 -8.74 -3.69
N GLU C 154 17.13 -9.63 -4.22
CA GLU C 154 17.59 -10.65 -5.16
C GLU C 154 16.41 -11.07 -6.02
N HIS C 155 16.70 -11.39 -7.28
CA HIS C 155 15.68 -11.93 -8.18
C HIS C 155 16.38 -12.78 -9.24
N SER C 156 16.18 -14.10 -9.15
CA SER C 156 16.70 -15.04 -10.14
C SER C 156 18.22 -15.01 -10.23
N GLY C 157 18.87 -14.79 -9.09
CA GLY C 157 20.32 -14.69 -9.05
C GLY C 157 20.87 -13.31 -9.30
N LEU C 158 20.05 -12.39 -9.79
CA LEU C 158 20.42 -10.97 -9.83
C LEU C 158 20.22 -10.39 -8.44
N ALA C 159 21.31 -9.97 -7.81
CA ALA C 159 21.28 -9.62 -6.40
C ALA C 159 22.03 -8.33 -6.15
N GLY C 160 21.61 -7.62 -5.10
CA GLY C 160 22.36 -6.49 -4.59
C GLY C 160 22.97 -6.79 -3.25
N GLN C 161 24.29 -6.93 -3.19
CA GLN C 161 24.99 -7.28 -1.96
C GLN C 161 25.33 -5.99 -1.22
N ALA C 162 24.64 -5.75 -0.10
CA ALA C 162 24.73 -4.47 0.59
C ALA C 162 25.85 -4.46 1.61
N GLY C 163 26.41 -3.27 1.81
CA GLY C 163 27.36 -2.99 2.86
C GLY C 163 27.30 -1.52 3.20
N TYR C 164 27.91 -1.15 4.32
CA TYR C 164 27.85 0.24 4.75
C TYR C 164 29.14 0.63 5.47
N TRP C 165 29.45 1.92 5.42
CA TRP C 165 30.63 2.48 6.05
C TRP C 165 30.22 3.39 7.20
N ARG C 166 30.93 3.28 8.32
CA ARG C 166 30.83 4.23 9.42
C ARG C 166 32.23 4.71 9.75
N GLN C 167 32.31 5.78 10.54
CA GLN C 167 33.60 6.36 10.89
C GLN C 167 34.14 5.73 12.16
N ARG C 168 35.42 5.35 12.13
CA ARG C 168 36.18 4.87 13.29
C ARG C 168 37.56 4.46 12.84
N SER D 4 -23.67 20.76 -15.38
CA SER D 4 -23.02 19.95 -14.35
C SER D 4 -21.56 20.33 -14.19
N THR D 5 -21.06 20.19 -12.96
CA THR D 5 -19.65 20.43 -12.66
C THR D 5 -19.00 19.12 -12.22
N VAL D 6 -17.70 19.01 -12.48
CA VAL D 6 -16.93 17.83 -12.11
C VAL D 6 -16.06 18.18 -10.92
N ALA D 7 -15.99 17.25 -9.95
CA ALA D 7 -15.21 17.41 -8.74
C ALA D 7 -14.06 16.43 -8.74
N THR D 8 -12.91 16.86 -8.23
CA THR D 8 -11.72 16.03 -8.17
C THR D 8 -11.04 16.22 -6.82
N TYR D 9 -10.29 15.21 -6.41
CA TYR D 9 -9.54 15.28 -5.16
C TYR D 9 -8.15 15.82 -5.45
N SER D 10 -7.88 17.05 -4.99
CA SER D 10 -6.61 17.72 -5.24
C SER D 10 -5.71 17.80 -4.02
N TYR D 11 -6.14 17.26 -2.87
CA TYR D 11 -5.39 17.33 -1.63
C TYR D 11 -4.28 16.29 -1.52
N THR D 12 -4.06 15.47 -2.55
CA THR D 12 -3.19 14.30 -2.41
C THR D 12 -1.79 14.68 -1.96
N HIS D 13 -1.16 15.62 -2.66
CA HIS D 13 0.15 16.11 -2.24
C HIS D 13 0.07 16.79 -0.88
N SER D 14 -1.00 17.54 -0.63
CA SER D 14 -1.15 18.21 0.66
C SER D 14 -1.27 17.21 1.79
N VAL D 15 -2.02 16.13 1.58
CA VAL D 15 -2.24 15.15 2.64
C VAL D 15 -0.94 14.41 2.96
N THR D 16 -0.22 13.97 1.93
CA THR D 16 1.05 13.30 2.14
C THR D 16 2.03 14.20 2.89
N TYR D 17 2.11 15.48 2.48
CA TYR D 17 3.05 16.41 3.11
C TYR D 17 2.69 16.66 4.58
N VAL D 18 1.40 16.85 4.86
CA VAL D 18 0.97 17.12 6.23
C VAL D 18 1.19 15.91 7.13
N THR D 19 0.90 14.71 6.61
CA THR D 19 1.09 13.50 7.39
C THR D 19 2.56 13.30 7.74
N ASP D 20 3.43 13.33 6.72
CA ASP D 20 4.85 13.09 6.93
C ASP D 20 5.46 14.08 7.94
N ASN D 21 5.05 15.35 7.86
CA ASN D 21 5.62 16.37 8.74
C ASN D 21 4.99 16.38 10.11
N ILE D 22 3.74 15.92 10.24
CA ILE D 22 3.16 15.70 11.56
C ILE D 22 3.95 14.63 12.31
N LEU D 23 4.27 13.54 11.62
CA LEU D 23 5.06 12.47 12.23
C LEU D 23 6.48 12.92 12.52
N LYS D 24 7.06 13.74 11.63
CA LYS D 24 8.43 14.20 11.87
C LYS D 24 8.50 15.13 13.07
N SER D 25 7.48 15.97 13.25
CA SER D 25 7.48 16.88 14.40
C SER D 25 7.26 16.14 15.70
N LEU D 26 6.39 15.12 15.69
CA LEU D 26 6.21 14.29 16.89
C LEU D 26 7.48 13.52 17.21
N LYS D 27 8.18 13.03 16.18
CA LYS D 27 9.49 12.43 16.40
C LYS D 27 10.46 13.42 17.00
N ASP D 28 10.42 14.68 16.54
CA ASP D 28 11.28 15.71 17.11
C ASP D 28 10.95 15.93 18.58
N ILE D 29 9.67 16.05 18.90
CA ILE D 29 9.23 16.21 20.28
C ILE D 29 9.78 15.08 21.15
N ILE D 30 9.72 13.85 20.65
CA ILE D 30 10.19 12.71 21.43
C ILE D 30 11.69 12.79 21.64
N LEU D 31 12.44 13.07 20.57
CA LEU D 31 13.89 13.19 20.69
C LEU D 31 14.27 14.34 21.62
N LEU D 32 13.74 15.53 21.37
CA LEU D 32 14.08 16.68 22.19
C LEU D 32 13.67 16.51 23.64
N SER D 33 12.68 15.64 23.91
CA SER D 33 12.27 15.36 25.28
C SER D 33 13.15 14.31 25.95
N GLY D 34 14.18 13.80 25.26
CA GLY D 34 15.06 12.80 25.84
C GLY D 34 14.50 11.40 25.87
N LEU D 35 13.46 11.12 25.10
CA LEU D 35 12.83 9.81 25.08
C LEU D 35 13.31 9.01 23.88
N ASP D 36 13.08 7.69 23.94
CA ASP D 36 13.57 6.78 22.92
C ASP D 36 12.52 6.67 21.81
N PRO D 37 12.86 7.02 20.56
CA PRO D 37 11.84 7.05 19.50
C PRO D 37 11.69 5.76 18.73
N GLU D 38 12.17 4.63 19.26
CA GLU D 38 12.16 3.40 18.47
C GLU D 38 10.75 2.87 18.29
N HIS D 39 9.94 2.90 19.34
CA HIS D 39 8.54 2.51 19.22
C HIS D 39 7.83 3.36 18.17
N PHE D 40 8.02 4.67 18.24
CA PHE D 40 7.40 5.56 17.26
C PHE D 40 7.90 5.26 15.85
N ALA D 41 9.21 5.09 15.69
CA ALA D 41 9.76 4.81 14.37
C ALA D 41 9.27 3.47 13.83
N ASP D 42 9.07 2.48 14.72
CA ASP D 42 8.65 1.16 14.27
C ASP D 42 7.24 1.18 13.70
N ARG D 43 6.35 1.98 14.29
CA ARG D 43 4.97 2.08 13.85
C ARG D 43 4.75 3.21 12.86
N TRP D 44 5.79 3.60 12.11
CA TRP D 44 5.68 4.74 11.22
C TRP D 44 4.72 4.46 10.07
N GLU D 45 4.83 3.29 9.45
CA GLU D 45 3.93 2.91 8.36
C GLU D 45 2.48 2.94 8.82
N SER D 46 2.20 2.32 9.97
CA SER D 46 0.83 2.25 10.46
C SER D 46 0.31 3.62 10.89
N ASN D 47 1.18 4.48 11.42
CA ASN D 47 0.74 5.84 11.73
C ASN D 47 0.41 6.62 10.47
N THR D 48 1.25 6.49 9.44
CA THR D 48 1.01 7.18 8.19
C THR D 48 -0.33 6.77 7.59
N ARG D 49 -0.60 5.47 7.56
CA ARG D 49 -1.83 4.95 6.96
C ARG D 49 -3.06 5.52 7.66
N ALA D 50 -3.07 5.50 9.00
CA ALA D 50 -4.24 5.96 9.74
C ALA D 50 -4.46 7.45 9.53
N ILE D 51 -3.38 8.24 9.55
CA ILE D 51 -3.51 9.69 9.46
C ILE D 51 -3.91 10.12 8.05
N LYS D 52 -3.25 9.54 7.04
CA LYS D 52 -3.61 9.87 5.65
C LYS D 52 -5.03 9.43 5.33
N THR D 53 -5.43 8.26 5.84
CA THR D 53 -6.80 7.78 5.60
C THR D 53 -7.82 8.75 6.18
N TRP D 54 -7.66 9.12 7.45
CA TRP D 54 -8.65 9.93 8.12
C TRP D 54 -8.55 11.41 7.76
N LEU D 55 -7.39 11.86 7.26
CA LEU D 55 -7.32 13.15 6.60
C LEU D 55 -8.08 13.14 5.28
N GLY D 56 -7.97 12.03 4.53
CA GLY D 56 -8.61 11.96 3.23
C GLY D 56 -10.12 11.91 3.31
N THR D 57 -10.66 11.29 4.36
CA THR D 57 -12.09 11.27 4.61
C THR D 57 -12.57 12.48 5.39
N GLY D 58 -11.65 13.33 5.85
CA GLY D 58 -12.02 14.51 6.61
C GLY D 58 -12.46 14.15 8.01
N ASP D 59 -12.21 12.91 8.41
CA ASP D 59 -12.60 12.42 9.73
C ASP D 59 -11.61 12.80 10.82
N LEU D 60 -10.34 13.03 10.47
CA LEU D 60 -9.33 13.29 11.48
C LEU D 60 -9.52 14.67 12.10
N ARG D 61 -9.65 14.70 13.42
CA ARG D 61 -9.77 15.95 14.19
C ARG D 61 -8.46 16.37 14.82
N LYS D 62 -7.81 15.48 15.57
CA LYS D 62 -6.60 15.80 16.29
C LYS D 62 -5.62 14.63 16.23
N VAL D 63 -4.34 14.95 16.13
CA VAL D 63 -3.27 14.00 16.41
C VAL D 63 -2.69 14.36 17.77
N ILE D 64 -2.64 13.37 18.67
CA ILE D 64 -2.37 13.63 20.08
C ILE D 64 -1.29 12.67 20.58
N LEU D 65 -0.25 13.23 21.19
CA LEU D 65 0.84 12.45 21.77
C LEU D 65 0.82 12.63 23.28
N GLU D 66 0.48 11.56 24.02
CA GLU D 66 0.54 11.57 25.46
C GLU D 66 1.96 11.20 25.92
N ILE D 67 2.50 11.97 26.85
CA ILE D 67 3.75 11.64 27.52
C ILE D 67 3.43 11.49 29.00
N TYR D 68 3.59 10.27 29.52
CA TYR D 68 3.11 9.94 30.86
C TYR D 68 4.18 9.23 31.67
N ASN D 69 4.02 9.31 33.00
CA ASN D 69 4.80 8.59 33.99
C ASN D 69 4.16 7.21 34.15
N PRO D 70 4.85 6.14 33.74
CA PRO D 70 4.26 4.79 33.87
C PRO D 70 3.95 4.39 35.29
N ALA D 71 4.70 4.91 36.27
CA ALA D 71 4.45 4.55 37.66
C ALA D 71 3.14 5.13 38.17
N THR D 72 2.98 6.45 38.06
CA THR D 72 1.74 7.09 38.49
C THR D 72 0.62 6.96 37.46
N ASP D 73 0.96 6.65 36.21
CA ASP D 73 0.05 6.55 35.07
C ASP D 73 -0.52 7.91 34.66
N LYS D 74 0.01 9.01 35.20
CA LYS D 74 -0.51 10.34 34.90
C LYS D 74 0.29 11.01 33.80
N LEU D 75 -0.39 11.89 33.06
CA LEU D 75 0.28 12.70 32.05
C LEU D 75 1.33 13.58 32.70
N VAL D 76 2.48 13.69 32.03
CA VAL D 76 3.46 14.73 32.32
C VAL D 76 3.30 15.90 31.35
N THR D 77 3.30 15.61 30.05
CA THR D 77 2.94 16.56 29.01
C THR D 77 2.08 15.86 27.97
N ARG D 78 1.33 16.65 27.21
CA ARG D 78 0.56 16.15 26.08
C ARG D 78 0.72 17.12 24.92
N TRP D 79 0.86 16.57 23.71
CA TRP D 79 1.10 17.37 22.51
C TRP D 79 -0.03 17.14 21.53
N ASP D 80 -0.75 18.21 21.20
CA ASP D 80 -1.90 18.17 20.31
C ASP D 80 -1.55 18.82 18.97
N ILE D 81 -2.10 18.26 17.89
CA ILE D 81 -2.05 18.86 16.57
C ILE D 81 -3.47 18.81 16.02
N ASP D 82 -4.16 19.94 16.04
CA ASP D 82 -5.51 20.02 15.49
C ASP D 82 -5.42 20.15 13.98
N ILE D 83 -6.34 19.48 13.29
CA ILE D 83 -6.41 19.54 11.83
C ILE D 83 -7.35 20.66 11.42
N VAL D 84 -6.87 21.54 10.54
CA VAL D 84 -7.69 22.55 9.90
C VAL D 84 -7.75 22.23 8.42
N TYR D 85 -8.96 22.11 7.88
CA TYR D 85 -9.16 21.82 6.47
C TYR D 85 -9.48 23.13 5.74
N GLY D 86 -8.61 23.51 4.81
CA GLY D 86 -8.78 24.75 4.09
C GLY D 86 -8.39 24.69 2.63
N GLY D 92 -1.67 27.15 -2.44
CA GLY D 92 -0.60 26.25 -2.83
C GLY D 92 0.64 26.38 -1.96
N SER D 93 0.63 27.38 -1.09
CA SER D 93 1.77 27.62 -0.22
C SER D 93 1.84 26.57 0.88
N PHE D 94 3.06 26.24 1.30
CA PHE D 94 3.28 25.19 2.27
C PHE D 94 4.50 25.54 3.11
N TRP D 95 4.52 25.06 4.35
CA TRP D 95 5.69 25.23 5.21
C TRP D 95 5.60 24.28 6.38
N THR D 96 6.70 24.21 7.12
CA THR D 96 6.77 23.55 8.41
C THR D 96 7.50 24.46 9.39
N ASP D 97 7.10 24.39 10.65
CA ASP D 97 7.79 25.12 11.69
C ASP D 97 7.96 24.20 12.90
N THR D 98 9.16 24.18 13.46
CA THR D 98 9.50 23.38 14.62
C THR D 98 10.05 24.19 15.78
N GLU D 99 10.41 25.46 15.55
CA GLU D 99 11.05 26.26 16.59
C GLU D 99 10.12 26.46 17.79
N GLN D 100 8.83 26.64 17.55
CA GLN D 100 7.88 26.74 18.66
C GLN D 100 7.94 25.51 19.55
N LEU D 101 8.01 24.32 18.95
CA LEU D 101 8.12 23.08 19.70
C LEU D 101 9.37 23.07 20.57
N LYS D 102 10.50 23.50 20.00
CA LYS D 102 11.77 23.51 20.74
C LYS D 102 11.66 24.33 22.02
N TYR D 103 11.15 25.57 21.91
CA TYR D 103 10.96 26.41 23.08
C TYR D 103 10.05 25.75 24.11
N ALA D 104 8.97 25.12 23.65
CA ALA D 104 7.97 24.61 24.59
C ALA D 104 8.48 23.42 25.40
N ILE D 105 9.39 22.63 24.83
CA ILE D 105 9.89 21.43 25.50
C ILE D 105 10.75 21.81 26.70
N LYS D 106 11.53 22.90 26.58
CA LYS D 106 12.25 23.41 27.74
C LYS D 106 11.29 23.95 28.79
N LYS D 107 10.26 24.68 28.36
CA LYS D 107 9.28 25.21 29.30
C LYS D 107 8.49 24.11 29.97
N ALA D 108 8.32 22.96 29.29
CA ALA D 108 7.60 21.86 29.89
C ALA D 108 8.34 21.27 31.08
N GLY D 109 9.66 21.42 31.11
CA GLY D 109 10.45 20.92 32.21
C GLY D 109 10.94 19.50 32.00
N LEU D 110 11.75 19.07 32.97
CA LEU D 110 12.36 17.76 32.89
C LEU D 110 11.34 16.66 33.09
N LEU D 111 11.54 15.57 32.41
CA LEU D 111 10.66 14.42 32.40
C LEU D 111 11.20 13.32 33.31
N PRO D 112 10.32 12.50 33.87
CA PRO D 112 10.80 11.33 34.63
C PRO D 112 11.67 10.44 33.75
N SER D 113 12.61 9.74 34.38
CA SER D 113 13.57 8.95 33.60
C SER D 113 12.86 7.90 32.75
N GLN D 114 11.74 7.38 33.22
CA GLN D 114 11.04 6.28 32.59
C GLN D 114 9.80 6.73 31.82
N ALA D 115 9.69 8.01 31.49
CA ALA D 115 8.50 8.51 30.80
C ALA D 115 8.27 7.74 29.51
N LYS D 116 6.99 7.53 29.20
CA LYS D 116 6.59 6.80 28.01
C LYS D 116 5.60 7.66 27.22
N TYR D 117 5.37 7.26 25.97
CA TYR D 117 4.46 8.00 25.11
C TYR D 117 3.45 7.07 24.45
N LYS D 118 2.34 7.66 24.04
CA LYS D 118 1.24 6.94 23.41
C LYS D 118 0.60 7.85 22.38
N LEU D 119 0.57 7.43 21.12
CA LEU D 119 -0.01 8.21 20.04
C LEU D 119 -1.50 7.90 19.92
N MET D 120 -2.32 8.95 19.82
CA MET D 120 -3.77 8.80 19.69
C MET D 120 -4.30 9.70 18.58
N LEU D 121 -5.37 9.24 17.94
CA LEU D 121 -5.99 9.96 16.83
C LEU D 121 -7.45 10.21 17.16
N ASP D 122 -7.81 11.48 17.34
CA ASP D 122 -9.21 11.85 17.56
C ASP D 122 -9.89 11.98 16.21
N THR D 123 -11.07 11.36 16.07
CA THR D 123 -11.75 11.30 14.78
C THR D 123 -13.24 11.57 14.97
N LYS D 124 -13.90 11.88 13.85
CA LYS D 124 -15.35 11.93 13.83
C LYS D 124 -15.91 10.53 14.05
N PRO D 125 -17.11 10.41 14.65
CA PRO D 125 -17.57 9.09 15.11
C PRO D 125 -17.74 8.05 14.01
N GLY D 126 -18.15 8.45 12.81
CA GLY D 126 -18.45 7.49 11.76
C GLY D 126 -17.27 7.05 10.91
N ARG D 127 -16.04 7.32 11.36
CA ARG D 127 -14.86 7.10 10.53
C ARG D 127 -14.71 5.62 10.19
N PRO D 128 -14.12 5.30 9.04
CA PRO D 128 -13.92 3.89 8.68
C PRO D 128 -12.78 3.27 9.46
N ASP D 129 -12.90 1.97 9.68
CA ASP D 129 -11.86 1.24 10.40
C ASP D 129 -10.56 1.22 9.61
N VAL D 130 -9.45 1.30 10.34
CA VAL D 130 -8.11 1.19 9.77
C VAL D 130 -7.38 0.12 10.56
N GLU D 131 -6.83 -0.87 9.85
CA GLU D 131 -6.14 -1.97 10.52
C GLU D 131 -4.98 -1.44 11.34
N GLY D 132 -4.82 -1.97 12.55
CA GLY D 132 -3.83 -1.50 13.49
C GLY D 132 -4.33 -0.48 14.48
N TRP D 133 -5.61 -0.13 14.43
CA TRP D 133 -6.17 0.93 15.26
C TRP D 133 -7.55 0.53 15.75
N SER D 134 -7.84 0.90 17.00
CA SER D 134 -9.14 0.63 17.61
C SER D 134 -9.37 1.67 18.70
N LYS D 135 -10.58 1.65 19.26
CA LYS D 135 -10.97 2.64 20.26
C LYS D 135 -10.04 2.63 21.47
N GLY D 136 -9.84 3.81 22.05
CA GLY D 136 -9.03 3.95 23.24
C GLY D 136 -9.54 5.05 24.14
N SER D 137 -8.83 5.34 25.24
CA SER D 137 -9.25 6.39 26.16
C SER D 137 -8.12 7.37 26.39
N TYR D 138 -8.49 8.61 26.69
CA TYR D 138 -7.54 9.66 27.02
C TYR D 138 -7.23 9.64 28.52
N ARG D 139 -5.98 9.93 28.85
CA ARG D 139 -5.65 10.23 30.23
C ARG D 139 -6.18 11.61 30.60
N SER D 140 -6.37 11.83 31.90
CA SER D 140 -6.97 13.07 32.34
C SER D 140 -6.02 14.24 32.13
N THR D 141 -6.59 15.38 31.71
CA THR D 141 -5.86 16.63 31.60
C THR D 141 -6.16 17.57 32.76
N ASP D 142 -6.81 17.07 33.80
CA ASP D 142 -7.18 17.89 34.95
C ASP D 142 -5.94 18.45 35.63
N GLY D 143 -5.96 19.75 35.90
CA GLY D 143 -4.82 20.41 36.51
C GLY D 143 -3.69 20.74 35.56
N MET D 144 -3.91 20.61 34.25
CA MET D 144 -2.93 20.97 33.24
C MET D 144 -3.38 22.22 32.50
N VAL D 145 -2.42 22.96 31.96
CA VAL D 145 -2.68 24.16 31.19
C VAL D 145 -2.21 23.93 29.76
N LYS D 146 -3.00 24.40 28.80
CA LYS D 146 -2.72 24.21 27.39
C LYS D 146 -2.32 25.53 26.76
N GLN D 147 -1.33 25.49 25.88
CA GLN D 147 -0.82 26.68 25.21
C GLN D 147 -0.70 26.40 23.72
N SER D 148 -1.24 27.30 22.90
CA SER D 148 -1.15 27.17 21.46
C SER D 148 0.27 27.41 20.99
N LEU D 149 0.67 26.65 19.97
CA LEU D 149 2.00 26.75 19.38
C LEU D 149 1.98 27.20 17.93
N GLY D 150 0.81 27.46 17.37
CA GLY D 150 0.71 27.84 15.99
C GLY D 150 0.68 26.65 15.06
N SER D 151 0.88 26.95 13.78
CA SER D 151 0.85 25.95 12.72
C SER D 151 2.24 25.33 12.57
N THR D 152 2.36 24.05 12.89
CA THR D 152 3.61 23.34 12.67
C THR D 152 3.76 22.89 11.23
N VAL D 153 2.65 22.69 10.52
CA VAL D 153 2.68 22.26 9.13
C VAL D 153 1.43 22.80 8.44
N GLU D 154 1.60 23.23 7.19
CA GLU D 154 0.46 23.58 6.35
C GLU D 154 0.82 23.26 4.90
N HIS D 155 -0.20 22.90 4.12
CA HIS D 155 -0.04 22.68 2.69
C HIS D 155 -1.37 23.00 2.02
N SER D 156 -1.42 24.12 1.30
CA SER D 156 -2.59 24.51 0.51
C SER D 156 -3.85 24.60 1.36
N GLY D 157 -3.70 25.18 2.56
CA GLY D 157 -4.82 25.37 3.46
C GLY D 157 -5.03 24.26 4.47
N LEU D 158 -4.60 23.04 4.18
CA LEU D 158 -4.63 21.96 5.14
C LEU D 158 -3.50 22.16 6.14
N ALA D 159 -3.82 22.36 7.41
CA ALA D 159 -2.84 22.74 8.41
C ALA D 159 -2.98 21.88 9.65
N GLY D 160 -1.87 21.72 10.36
CA GLY D 160 -1.89 21.16 11.70
C GLY D 160 -1.60 22.23 12.72
N GLN D 161 -2.59 22.57 13.54
CA GLN D 161 -2.44 23.60 14.57
C GLN D 161 -2.00 22.90 15.85
N ALA D 162 -0.77 23.16 16.26
CA ALA D 162 -0.20 22.47 17.41
C ALA D 162 -0.50 23.20 18.71
N GLY D 163 -0.54 22.42 19.78
CA GLY D 163 -0.65 22.93 21.13
C GLY D 163 -0.13 21.89 22.08
N TYR D 164 0.20 22.31 23.29
CA TYR D 164 0.77 21.37 24.26
C TYR D 164 0.22 21.65 25.65
N TRP D 165 0.04 20.57 26.41
CA TRP D 165 -0.39 20.61 27.79
C TRP D 165 0.80 20.36 28.71
N ARG D 166 0.87 21.12 29.80
CA ARG D 166 1.90 20.91 30.81
C ARG D 166 1.24 20.95 32.19
N GLN D 167 1.88 20.29 33.14
CA GLN D 167 1.39 20.31 34.51
C GLN D 167 1.55 21.70 35.09
N ARG D 168 0.50 22.19 35.76
CA ARG D 168 0.51 23.53 36.34
C ARG D 168 -0.59 23.69 37.38
#